data_1BHN
#
_entry.id   1BHN
#
_cell.length_a   89.880
_cell.length_b   92.110
_cell.length_c   131.630
_cell.angle_alpha   90.00
_cell.angle_beta   90.00
_cell.angle_gamma   90.00
#
_symmetry.space_group_name_H-M   'P 21 21 21'
#
loop_
_entity.id
_entity.type
_entity.pdbx_description
1 polymer 'NUCLEOSIDE DIPHOSPHATE TRANSFERASE'
2 non-polymer "GUANOSINE-3',5'-MONOPHOSPHATE"
3 non-polymer "GUANOSINE-5'-DIPHOSPHATE"
4 water water
#
_entity_poly.entity_id   1
_entity_poly.type   'polypeptide(L)'
_entity_poly.pdbx_seq_one_letter_code
;MANSERTFIAIKPDGVQRGLIGEIIKRFEQKGFRLVAMKFMRASEDLLKEHYIDLKDRPFFAGLVKYMHSGPVVAMVWEG
LNVVKTGRVMLGETNPADSKPGTIRGDFCIQVGRNIIHGSDSVESAEKEIALWFHPEELVNYKSCAQNWIYE
;
_entity_poly.pdbx_strand_id   A,B,C,D,E,F
#
loop_
_chem_comp.id
_chem_comp.type
_chem_comp.name
_chem_comp.formula
35G non-polymer GUANOSINE-3',5'-MONOPHOSPHATE 'C10 H12 N5 O7 P'
GDP RNA linking GUANOSINE-5'-DIPHOSPHATE 'C10 H15 N5 O11 P2'
#
# COMPACT_ATOMS: atom_id res chain seq x y z
N ALA A 2 2.20 -30.72 -10.31
CA ALA A 2 3.04 -30.03 -9.35
C ALA A 2 2.59 -28.60 -9.24
N ASN A 3 2.18 -28.10 -10.46
CA ASN A 3 1.66 -26.76 -10.78
C ASN A 3 0.22 -26.68 -10.39
N SER A 4 -0.27 -27.90 -10.00
CA SER A 4 -1.60 -28.05 -9.52
C SER A 4 -1.61 -28.39 -8.05
N GLU A 5 -0.45 -28.58 -7.46
CA GLU A 5 -0.42 -28.79 -6.03
C GLU A 5 -1.23 -27.72 -5.29
N ARG A 6 -1.98 -28.10 -4.23
CA ARG A 6 -2.91 -27.39 -3.35
C ARG A 6 -2.60 -27.34 -1.91
N THR A 7 -3.15 -26.34 -1.25
CA THR A 7 -2.81 -26.22 0.15
C THR A 7 -4.01 -25.64 0.82
N PHE A 8 -3.92 -25.84 2.11
CA PHE A 8 -5.04 -25.33 2.88
C PHE A 8 -4.51 -24.22 3.77
N ILE A 9 -5.06 -23.05 3.44
CA ILE A 9 -4.95 -21.76 4.17
C ILE A 9 -6.29 -21.31 4.87
N ALA A 10 -6.06 -21.06 6.18
CA ALA A 10 -6.99 -20.53 7.14
C ALA A 10 -6.34 -19.52 8.05
N ILE A 11 -7.01 -18.44 7.93
CA ILE A 11 -6.70 -17.30 8.75
C ILE A 11 -7.47 -17.47 10.07
N LYS A 12 -6.62 -17.62 11.08
CA LYS A 12 -7.18 -17.72 12.43
C LYS A 12 -8.08 -16.59 12.98
N PRO A 13 -8.60 -16.74 14.22
CA PRO A 13 -9.53 -15.71 14.73
C PRO A 13 -8.96 -14.33 15.00
N ASP A 14 -7.63 -14.35 15.24
CA ASP A 14 -6.99 -13.07 15.47
C ASP A 14 -6.91 -12.26 14.18
N GLY A 15 -6.48 -12.92 13.11
CA GLY A 15 -6.41 -12.38 11.77
C GLY A 15 -7.73 -11.66 11.39
N VAL A 16 -8.81 -12.32 11.64
CA VAL A 16 -10.16 -11.80 11.38
C VAL A 16 -10.46 -10.72 12.40
N GLN A 17 -10.16 -10.88 13.67
CA GLN A 17 -10.46 -9.72 14.51
C GLN A 17 -9.56 -8.53 14.01
N ARG A 18 -8.25 -8.71 13.76
CA ARG A 18 -7.38 -7.63 13.31
C ARG A 18 -7.44 -7.13 11.87
N GLY A 19 -8.48 -7.45 11.16
CA GLY A 19 -8.48 -6.89 9.82
C GLY A 19 -7.57 -7.35 8.66
N LEU A 20 -6.86 -8.43 8.93
CA LEU A 20 -5.92 -9.04 8.01
C LEU A 20 -6.39 -9.86 6.82
N ILE A 21 -7.64 -10.16 6.79
CA ILE A 21 -7.99 -11.02 5.71
C ILE A 21 -7.62 -10.29 4.47
N GLY A 22 -8.24 -9.16 4.02
CA GLY A 22 -7.93 -8.56 2.67
C GLY A 22 -6.41 -8.55 2.35
N GLU A 23 -5.62 -8.31 3.38
CA GLU A 23 -4.16 -8.31 3.32
C GLU A 23 -3.53 -9.64 2.96
N ILE A 24 -4.02 -10.63 3.76
CA ILE A 24 -3.48 -11.98 3.68
C ILE A 24 -3.74 -12.57 2.32
N ILE A 25 -4.94 -12.32 1.97
CA ILE A 25 -5.35 -12.87 0.71
C ILE A 25 -4.53 -12.30 -0.36
N LYS A 26 -4.27 -11.02 -0.03
CA LYS A 26 -3.60 -10.19 -1.02
C LYS A 26 -2.35 -10.76 -1.63
N ARG A 27 -1.62 -11.14 -0.61
CA ARG A 27 -0.29 -11.71 -0.73
C ARG A 27 -0.25 -12.99 -1.63
N PHE A 28 -1.26 -13.89 -1.47
CA PHE A 28 -1.45 -15.11 -2.27
C PHE A 28 -1.86 -14.83 -3.70
N GLU A 29 -2.80 -13.92 -3.87
CA GLU A 29 -3.14 -13.61 -5.25
C GLU A 29 -2.04 -12.85 -5.95
N GLN A 30 -1.18 -12.12 -5.22
CA GLN A 30 -0.21 -11.43 -6.10
C GLN A 30 0.94 -12.31 -6.42
N LYS A 31 1.08 -13.26 -5.46
CA LYS A 31 2.12 -14.24 -5.65
C LYS A 31 2.05 -14.97 -6.94
N GLY A 32 0.96 -14.82 -7.62
CA GLY A 32 0.60 -15.63 -8.77
C GLY A 32 -0.25 -16.94 -8.31
N PHE A 33 -0.63 -17.30 -7.05
CA PHE A 33 -1.45 -18.49 -6.72
C PHE A 33 -2.98 -18.47 -7.08
N ARG A 34 -3.76 -19.59 -7.28
CA ARG A 34 -5.21 -19.76 -7.65
C ARG A 34 -6.06 -20.20 -6.49
N LEU A 35 -7.04 -19.33 -6.16
CA LEU A 35 -7.89 -19.47 -4.96
C LEU A 35 -8.73 -20.52 -5.48
N VAL A 36 -8.55 -21.71 -4.93
CA VAL A 36 -9.44 -22.83 -5.38
C VAL A 36 -10.81 -22.74 -4.63
N ALA A 37 -10.72 -22.56 -3.29
CA ALA A 37 -11.88 -22.43 -2.44
C ALA A 37 -11.66 -21.61 -1.22
N MET A 38 -12.77 -21.08 -0.68
CA MET A 38 -12.65 -20.41 0.64
C MET A 38 -13.99 -20.12 1.26
N LYS A 39 -14.07 -20.14 2.59
CA LYS A 39 -15.39 -19.85 3.23
C LYS A 39 -15.10 -19.43 4.61
N PHE A 40 -15.95 -18.53 5.09
CA PHE A 40 -15.79 -17.86 6.36
C PHE A 40 -16.67 -18.54 7.36
N MET A 41 -16.21 -18.95 8.54
CA MET A 41 -17.21 -19.63 9.34
C MET A 41 -16.65 -19.87 10.72
N ARG A 42 -17.49 -20.49 11.60
CA ARG A 42 -17.00 -20.75 12.95
C ARG A 42 -16.50 -22.19 13.03
N ALA A 43 -15.32 -22.51 13.59
CA ALA A 43 -15.08 -23.96 13.56
C ALA A 43 -15.69 -24.73 14.74
N SER A 44 -16.35 -25.90 14.57
CA SER A 44 -16.93 -26.72 15.65
C SER A 44 -15.81 -27.40 16.39
N GLU A 45 -16.07 -27.69 17.68
CA GLU A 45 -14.98 -28.34 18.40
C GLU A 45 -14.46 -29.62 17.80
N ASP A 46 -15.46 -30.31 17.27
CA ASP A 46 -15.29 -31.58 16.61
C ASP A 46 -14.19 -31.49 15.59
N LEU A 47 -14.63 -30.70 14.60
CA LEU A 47 -13.76 -30.35 13.50
C LEU A 47 -12.29 -30.14 13.90
N LEU A 48 -12.11 -29.07 14.66
CA LEU A 48 -10.84 -28.69 15.13
C LEU A 48 -10.18 -29.92 15.66
N LYS A 49 -10.89 -30.72 16.42
CA LYS A 49 -9.98 -31.70 16.99
C LYS A 49 -9.41 -32.74 16.13
N GLU A 50 -10.18 -32.92 15.10
CA GLU A 50 -9.75 -33.86 14.13
C GLU A 50 -8.71 -33.26 13.25
N HIS A 51 -8.83 -31.94 13.25
CA HIS A 51 -7.95 -31.14 12.44
C HIS A 51 -6.58 -31.35 13.08
N TYR A 52 -6.58 -31.02 14.34
CA TYR A 52 -5.47 -31.03 15.22
C TYR A 52 -5.33 -32.32 15.93
N ILE A 53 -5.86 -33.30 15.27
CA ILE A 53 -5.79 -34.57 15.97
C ILE A 53 -4.40 -35.05 16.45
N ASP A 54 -3.32 -34.75 15.74
CA ASP A 54 -2.00 -35.28 15.94
C ASP A 54 -1.28 -34.57 17.02
N LEU A 55 -2.07 -33.68 17.53
CA LEU A 55 -1.59 -32.81 18.54
C LEU A 55 -2.26 -33.11 19.84
N LYS A 56 -3.37 -33.76 19.69
CA LYS A 56 -4.19 -34.22 20.77
C LYS A 56 -3.65 -34.06 22.21
N ASP A 57 -2.37 -34.41 22.35
CA ASP A 57 -1.77 -34.38 23.67
C ASP A 57 -1.12 -33.14 24.24
N ARG A 58 -0.18 -32.63 23.47
CA ARG A 58 0.53 -31.43 23.82
C ARG A 58 -0.26 -30.30 24.42
N PRO A 59 0.07 -30.06 25.70
CA PRO A 59 -0.49 -29.06 26.60
C PRO A 59 -1.41 -28.03 25.98
N PHE A 60 -0.88 -27.14 25.14
CA PHE A 60 -1.83 -26.17 24.61
C PHE A 60 -3.17 -26.70 24.10
N PHE A 61 -3.20 -27.86 23.42
CA PHE A 61 -4.35 -28.49 22.80
C PHE A 61 -5.67 -27.92 23.15
N ALA A 62 -6.20 -28.38 24.25
CA ALA A 62 -7.54 -27.81 24.47
C ALA A 62 -7.77 -26.28 24.35
N GLY A 63 -6.71 -25.51 24.59
CA GLY A 63 -6.80 -24.05 24.65
C GLY A 63 -6.92 -23.55 23.26
N LEU A 64 -6.19 -24.36 22.55
CA LEU A 64 -6.02 -24.20 21.17
C LEU A 64 -7.36 -24.38 20.46
N VAL A 65 -7.97 -25.48 20.91
CA VAL A 65 -9.26 -25.83 20.33
C VAL A 65 -10.24 -24.76 20.82
N LYS A 66 -10.13 -24.44 22.12
CA LYS A 66 -10.99 -23.40 22.60
C LYS A 66 -10.91 -22.13 21.72
N TYR A 67 -9.64 -21.84 21.40
CA TYR A 67 -9.39 -20.63 20.69
C TYR A 67 -9.83 -20.68 19.26
N MET A 68 -9.62 -21.84 18.65
CA MET A 68 -10.07 -21.78 17.28
C MET A 68 -11.54 -21.61 17.08
N HIS A 69 -12.12 -21.86 18.25
CA HIS A 69 -13.56 -21.99 18.39
C HIS A 69 -14.31 -20.76 18.74
N SER A 70 -13.54 -19.93 19.43
CA SER A 70 -13.98 -18.61 19.89
C SER A 70 -14.31 -17.69 18.77
N GLY A 71 -13.73 -17.86 17.57
CA GLY A 71 -14.19 -16.96 16.54
C GLY A 71 -14.19 -17.63 15.20
N PRO A 72 -14.67 -16.95 14.19
CA PRO A 72 -14.72 -17.28 12.80
C PRO A 72 -13.34 -17.40 12.10
N VAL A 73 -13.31 -17.88 10.87
CA VAL A 73 -12.01 -18.01 10.35
C VAL A 73 -12.33 -17.98 8.90
N VAL A 74 -11.19 -17.91 8.16
CA VAL A 74 -11.46 -17.94 6.72
C VAL A 74 -10.89 -19.23 6.26
N ALA A 75 -11.68 -20.11 5.64
CA ALA A 75 -10.88 -21.24 5.27
C ALA A 75 -10.78 -21.13 3.80
N MET A 76 -9.57 -21.43 3.31
CA MET A 76 -9.45 -21.43 1.85
C MET A 76 -8.51 -22.50 1.19
N VAL A 77 -8.58 -22.54 -0.15
CA VAL A 77 -7.61 -23.41 -0.78
C VAL A 77 -7.02 -22.82 -1.99
N TRP A 78 -5.75 -22.84 -1.82
CA TRP A 78 -4.88 -22.28 -2.84
C TRP A 78 -4.18 -23.33 -3.68
N GLU A 79 -4.14 -23.16 -4.99
CA GLU A 79 -3.46 -24.01 -5.93
C GLU A 79 -2.18 -23.55 -6.73
N GLY A 80 -1.02 -24.26 -6.63
CA GLY A 80 0.07 -23.86 -7.48
C GLY A 80 1.39 -24.57 -7.27
N LEU A 81 2.28 -24.26 -8.16
CA LEU A 81 3.59 -24.89 -7.98
C LEU A 81 4.13 -24.74 -6.60
N ASN A 82 4.22 -25.88 -5.98
CA ASN A 82 4.71 -25.87 -4.67
C ASN A 82 3.95 -24.96 -3.80
N VAL A 83 2.67 -24.73 -4.09
CA VAL A 83 2.06 -23.92 -3.04
C VAL A 83 2.34 -24.39 -1.61
N VAL A 84 2.33 -25.68 -1.44
CA VAL A 84 2.51 -26.02 -0.04
C VAL A 84 3.69 -25.46 0.75
N LYS A 85 4.85 -25.65 0.19
CA LYS A 85 6.11 -25.20 0.76
C LYS A 85 6.35 -23.68 0.62
N THR A 86 6.03 -23.19 -0.57
CA THR A 86 6.11 -21.76 -0.82
C THR A 86 5.25 -20.94 0.17
N GLY A 87 3.95 -21.27 0.25
CA GLY A 87 3.07 -20.58 1.16
C GLY A 87 3.56 -20.77 2.59
N ARG A 88 4.32 -21.78 2.77
CA ARG A 88 4.68 -21.90 4.17
C ARG A 88 5.60 -20.81 4.60
N VAL A 89 6.39 -20.61 3.59
CA VAL A 89 7.40 -19.64 3.67
C VAL A 89 6.73 -18.31 3.71
N MET A 90 5.80 -18.11 2.72
CA MET A 90 5.05 -16.89 2.68
C MET A 90 4.53 -16.51 4.01
N LEU A 91 4.33 -17.41 4.92
CA LEU A 91 3.74 -17.14 6.20
C LEU A 91 4.68 -16.91 7.28
N GLY A 92 5.85 -17.42 7.22
CA GLY A 92 6.73 -17.16 8.36
C GLY A 92 6.77 -18.43 9.12
N GLU A 93 7.64 -18.52 10.07
CA GLU A 93 7.86 -19.56 11.06
C GLU A 93 6.60 -19.59 11.94
N THR A 94 6.07 -20.75 12.36
CA THR A 94 4.85 -20.75 13.18
C THR A 94 4.91 -19.77 14.40
N ASN A 95 6.08 -19.67 15.09
CA ASN A 95 6.33 -18.76 16.22
C ASN A 95 6.75 -17.44 15.59
N PRO A 96 5.76 -16.50 15.54
CA PRO A 96 5.93 -15.20 14.91
C PRO A 96 7.32 -14.53 15.16
N ALA A 97 7.84 -14.80 16.38
CA ALA A 97 9.17 -14.37 16.80
C ALA A 97 10.32 -14.94 15.94
N ASP A 98 10.13 -15.87 14.98
CA ASP A 98 11.28 -16.26 14.18
C ASP A 98 10.85 -15.95 12.78
N SER A 99 9.59 -15.60 12.67
CA SER A 99 9.26 -15.16 11.33
C SER A 99 9.93 -13.85 10.88
N LYS A 100 10.53 -13.81 9.72
CA LYS A 100 11.07 -12.54 9.31
C LYS A 100 10.06 -11.64 8.70
N PRO A 101 10.58 -10.46 8.39
CA PRO A 101 9.74 -9.45 7.83
C PRO A 101 9.56 -9.75 6.39
N GLY A 102 8.41 -9.29 5.94
CA GLY A 102 8.03 -9.52 4.57
C GLY A 102 7.03 -10.70 4.52
N THR A 103 7.06 -11.47 5.64
CA THR A 103 6.20 -12.64 5.92
C THR A 103 5.05 -12.34 6.82
N ILE A 104 3.93 -13.01 6.50
CA ILE A 104 2.70 -12.95 7.25
C ILE A 104 2.89 -12.67 8.72
N ARG A 105 3.47 -13.66 9.32
CA ARG A 105 3.62 -13.49 10.77
C ARG A 105 4.67 -12.44 11.14
N GLY A 106 5.84 -12.35 10.44
CA GLY A 106 6.87 -11.30 10.76
C GLY A 106 6.34 -9.85 10.97
N ASP A 107 5.58 -9.47 9.92
CA ASP A 107 4.88 -8.18 9.77
C ASP A 107 3.69 -7.99 10.76
N PHE A 108 2.77 -9.02 10.81
CA PHE A 108 1.58 -8.97 11.65
C PHE A 108 1.49 -9.46 13.02
N CYS A 109 2.46 -10.14 13.55
CA CYS A 109 2.08 -10.53 14.88
C CYS A 109 3.24 -10.97 15.76
N ILE A 110 2.90 -11.02 17.05
CA ILE A 110 3.91 -11.30 18.01
C ILE A 110 3.92 -12.59 18.79
N GLN A 111 2.77 -13.22 19.11
CA GLN A 111 2.87 -14.44 19.91
C GLN A 111 2.39 -15.76 19.28
N VAL A 112 3.09 -16.85 19.63
CA VAL A 112 2.61 -18.04 18.90
C VAL A 112 1.16 -18.43 19.01
N GLY A 113 0.65 -18.21 20.18
CA GLY A 113 -0.69 -18.63 20.39
C GLY A 113 -1.54 -17.82 19.48
N ARG A 114 -0.99 -16.61 19.34
CA ARG A 114 -1.63 -15.66 18.49
C ARG A 114 -1.37 -15.62 17.02
N ASN A 115 -0.46 -16.36 16.48
CA ASN A 115 -0.23 -16.33 15.04
C ASN A 115 -1.19 -16.22 13.90
N ILE A 116 -2.31 -15.47 14.00
CA ILE A 116 -3.28 -15.23 12.91
C ILE A 116 -3.46 -16.15 11.65
N ILE A 117 -2.57 -17.12 11.46
CA ILE A 117 -2.89 -17.91 10.29
C ILE A 117 -2.40 -19.34 10.31
N HIS A 118 -2.92 -20.10 9.37
CA HIS A 118 -2.50 -21.49 9.32
C HIS A 118 -2.32 -21.99 7.88
N GLY A 119 -1.27 -22.79 7.81
CA GLY A 119 -0.84 -23.45 6.57
C GLY A 119 -0.37 -24.89 6.76
N SER A 120 -0.73 -25.66 5.70
CA SER A 120 -0.52 -27.11 5.57
C SER A 120 0.96 -27.37 5.48
N ASP A 121 1.46 -27.97 6.53
CA ASP A 121 2.86 -28.22 6.34
C ASP A 121 3.28 -29.19 5.28
N SER A 122 2.37 -29.89 4.61
CA SER A 122 2.87 -30.91 3.68
C SER A 122 1.88 -31.13 2.61
N VAL A 123 2.23 -31.71 1.50
CA VAL A 123 1.08 -31.94 0.68
C VAL A 123 -0.01 -32.90 1.20
N GLU A 124 0.40 -33.76 2.12
CA GLU A 124 -0.44 -34.77 2.75
C GLU A 124 -1.43 -34.03 3.61
N SER A 125 -0.82 -33.28 4.55
CA SER A 125 -1.53 -32.42 5.47
C SER A 125 -2.46 -31.62 4.58
N ALA A 126 -1.84 -31.14 3.51
CA ALA A 126 -2.64 -30.40 2.55
C ALA A 126 -3.92 -31.17 2.14
N GLU A 127 -3.83 -32.47 1.79
CA GLU A 127 -4.99 -33.22 1.31
C GLU A 127 -6.13 -33.67 2.21
N LYS A 128 -5.55 -33.97 3.35
CA LYS A 128 -6.37 -34.35 4.45
C LYS A 128 -7.11 -33.13 4.81
N GLU A 129 -6.30 -32.11 5.03
CA GLU A 129 -6.79 -30.86 5.50
C GLU A 129 -7.81 -30.34 4.63
N ILE A 130 -7.48 -30.37 3.39
CA ILE A 130 -8.49 -29.86 2.48
C ILE A 130 -9.69 -30.67 2.75
N ALA A 131 -9.72 -31.87 2.13
CA ALA A 131 -10.86 -32.75 2.21
C ALA A 131 -11.60 -32.61 3.52
N LEU A 132 -10.96 -32.52 4.75
CA LEU A 132 -11.58 -32.39 6.02
C LEU A 132 -12.36 -31.12 6.04
N TRP A 133 -11.89 -30.05 5.34
CA TRP A 133 -12.58 -28.74 5.49
C TRP A 133 -13.60 -28.43 4.48
N PHE A 134 -13.27 -29.06 3.38
CA PHE A 134 -14.15 -28.83 2.29
C PHE A 134 -14.70 -30.03 1.51
N HIS A 135 -16.05 -30.09 1.31
CA HIS A 135 -16.52 -31.08 0.35
C HIS A 135 -15.83 -30.73 -0.99
N PRO A 136 -15.60 -31.74 -1.77
CA PRO A 136 -15.06 -31.62 -3.10
C PRO A 136 -15.80 -30.69 -4.08
N GLU A 137 -17.10 -30.68 -4.12
CA GLU A 137 -17.66 -29.80 -5.19
C GLU A 137 -17.51 -28.32 -4.88
N GLU A 138 -16.93 -28.19 -3.69
CA GLU A 138 -16.68 -26.93 -3.07
C GLU A 138 -15.63 -26.29 -3.94
N LEU A 139 -14.61 -27.09 -4.24
CA LEU A 139 -13.38 -26.73 -4.97
C LEU A 139 -13.50 -26.58 -6.43
N VAL A 140 -13.69 -25.27 -6.80
CA VAL A 140 -13.77 -24.59 -8.11
C VAL A 140 -12.59 -24.87 -9.12
N ASN A 141 -12.89 -24.81 -10.43
CA ASN A 141 -11.79 -25.11 -11.31
C ASN A 141 -11.95 -24.21 -12.51
N TYR A 142 -10.92 -23.36 -12.63
CA TYR A 142 -10.97 -22.27 -13.63
C TYR A 142 -9.49 -22.12 -13.70
N LYS A 143 -9.28 -21.40 -14.81
CA LYS A 143 -8.06 -20.88 -15.41
C LYS A 143 -7.84 -19.32 -15.26
N SER A 144 -6.74 -18.92 -14.59
CA SER A 144 -6.37 -17.50 -14.51
C SER A 144 -5.76 -16.98 -15.85
N CYS A 145 -6.21 -15.82 -16.30
CA CYS A 145 -5.83 -15.22 -17.57
C CYS A 145 -4.28 -15.11 -17.72
N ALA A 146 -3.64 -14.99 -16.59
CA ALA A 146 -2.21 -14.76 -16.50
C ALA A 146 -1.42 -16.06 -16.37
N GLN A 147 -2.19 -17.09 -16.48
CA GLN A 147 -1.71 -18.42 -16.32
C GLN A 147 -0.33 -18.70 -16.93
N ASN A 148 -0.48 -18.47 -18.20
CA ASN A 148 0.62 -18.65 -19.10
C ASN A 148 1.62 -17.48 -19.05
N TRP A 149 1.31 -16.57 -18.12
CA TRP A 149 2.26 -15.51 -17.84
C TRP A 149 3.03 -15.97 -16.63
N ILE A 150 2.29 -16.66 -15.79
CA ILE A 150 2.97 -17.12 -14.60
C ILE A 150 3.69 -18.39 -14.79
N TYR A 151 3.17 -19.14 -15.76
CA TYR A 151 3.51 -20.51 -16.02
C TYR A 151 3.90 -20.75 -17.43
N GLU A 152 5.15 -21.20 -17.32
CA GLU A 152 5.99 -21.61 -18.39
C GLU A 152 5.47 -22.73 -19.27
N ALA B 2 7.17 -9.63 30.12
CA ALA B 2 8.08 -9.17 29.06
C ALA B 2 7.38 -8.65 27.78
N ASN B 3 6.06 -8.65 28.00
CA ASN B 3 4.87 -8.28 27.21
C ASN B 3 4.56 -6.80 27.37
N SER B 4 5.39 -6.21 28.22
CA SER B 4 5.37 -4.82 28.56
C SER B 4 6.66 -4.20 28.09
N GLU B 5 7.57 -5.05 27.70
CA GLU B 5 8.87 -4.64 27.19
C GLU B 5 8.71 -3.37 26.42
N ARG B 6 9.77 -2.60 26.54
CA ARG B 6 9.79 -1.31 25.83
C ARG B 6 11.19 -1.05 25.28
N THR B 7 11.08 -0.40 24.12
CA THR B 7 12.34 0.05 23.51
C THR B 7 12.25 1.51 22.98
N PHE B 8 13.43 2.07 22.78
CA PHE B 8 13.58 3.43 22.26
C PHE B 8 13.89 3.41 20.74
N ILE B 9 12.84 3.78 20.05
CA ILE B 9 12.85 3.91 18.64
C ILE B 9 12.73 5.42 18.34
N ALA B 10 13.68 5.90 17.53
CA ALA B 10 13.66 7.28 17.05
C ALA B 10 13.93 7.38 15.54
N ILE B 11 13.08 7.98 14.71
CA ILE B 11 13.41 8.18 13.30
C ILE B 11 14.24 9.47 13.18
N LYS B 12 15.38 9.30 12.44
CA LYS B 12 16.44 10.24 12.09
C LYS B 12 15.85 11.24 11.14
N PRO B 13 16.46 12.42 11.14
CA PRO B 13 16.11 13.60 10.34
C PRO B 13 16.06 13.20 8.86
N ASP B 14 16.90 12.22 8.53
CA ASP B 14 16.75 11.79 7.15
C ASP B 14 15.45 11.00 6.92
N GLY B 15 14.98 10.31 7.96
CA GLY B 15 13.70 9.61 7.75
C GLY B 15 12.69 10.67 7.75
N VAL B 16 12.96 11.55 8.69
CA VAL B 16 12.02 12.63 8.75
C VAL B 16 11.89 13.32 7.40
N GLN B 17 13.01 13.66 6.77
CA GLN B 17 13.02 14.48 5.56
C GLN B 17 12.57 13.76 4.33
N ARG B 18 12.95 12.50 4.29
CA ARG B 18 12.50 11.73 3.12
C ARG B 18 11.06 11.22 3.22
N GLY B 19 10.43 11.63 4.31
CA GLY B 19 9.03 11.32 4.44
C GLY B 19 8.66 9.89 4.77
N LEU B 20 9.41 9.39 5.77
CA LEU B 20 9.21 8.04 6.21
C LEU B 20 8.66 7.80 7.60
N ILE B 21 7.88 8.72 8.05
CA ILE B 21 7.34 8.53 9.36
C ILE B 21 6.06 7.76 9.43
N GLY B 22 5.19 8.10 8.53
CA GLY B 22 3.91 7.38 8.58
C GLY B 22 4.23 5.89 8.44
N GLU B 23 5.04 5.55 7.40
CA GLU B 23 5.42 4.20 7.05
C GLU B 23 5.95 3.50 8.28
N ILE B 24 6.98 4.05 8.78
CA ILE B 24 7.63 3.46 9.95
C ILE B 24 6.68 3.28 11.13
N ILE B 25 6.09 4.31 11.73
CA ILE B 25 5.17 3.97 12.80
C ILE B 25 4.15 2.88 12.40
N LYS B 26 3.58 3.02 11.23
CA LYS B 26 2.72 1.97 10.74
C LYS B 26 3.40 0.59 10.87
N ARG B 27 4.66 0.51 10.60
CA ARG B 27 5.23 -0.82 10.82
C ARG B 27 4.94 -1.43 12.23
N PHE B 28 5.24 -0.58 13.15
CA PHE B 28 5.06 -1.00 14.55
C PHE B 28 3.59 -1.19 14.95
N GLU B 29 2.87 -0.32 14.30
CA GLU B 29 1.47 -0.40 14.61
C GLU B 29 1.00 -1.77 14.17
N GLN B 30 0.97 -2.07 12.87
CA GLN B 30 0.52 -3.39 12.45
C GLN B 30 1.18 -4.66 13.01
N LYS B 31 2.34 -4.65 13.55
CA LYS B 31 2.89 -5.83 14.17
C LYS B 31 2.30 -5.92 15.56
N GLY B 32 1.61 -4.92 15.87
CA GLY B 32 1.00 -5.04 17.22
C GLY B 32 1.71 -4.56 18.50
N PHE B 33 2.74 -3.73 18.28
CA PHE B 33 3.42 -3.19 19.44
C PHE B 33 2.65 -2.00 19.92
N ARG B 34 2.93 -1.61 21.18
CA ARG B 34 2.17 -0.48 21.76
C ARG B 34 2.86 0.89 21.77
N LEU B 35 2.41 1.89 20.94
CA LEU B 35 3.01 3.23 21.07
C LEU B 35 2.75 3.78 22.47
N VAL B 36 3.78 3.91 23.27
CA VAL B 36 3.68 4.43 24.62
C VAL B 36 3.76 5.99 24.66
N ALA B 37 4.85 6.46 24.03
CA ALA B 37 5.18 7.88 23.90
C ALA B 37 5.69 8.26 22.54
N MET B 38 5.48 9.51 22.22
CA MET B 38 6.00 10.14 20.95
C MET B 38 6.00 11.67 21.07
N LYS B 39 7.08 12.21 20.50
CA LYS B 39 7.49 13.64 20.37
C LYS B 39 8.60 13.96 19.30
N PHE B 40 8.15 14.79 18.35
CA PHE B 40 8.91 15.30 17.22
C PHE B 40 9.64 16.43 17.87
N MET B 41 10.98 16.36 17.70
CA MET B 41 11.84 17.38 18.27
C MET B 41 13.10 17.52 17.45
N ARG B 42 14.02 18.45 17.77
CA ARG B 42 15.36 18.64 17.14
C ARG B 42 16.22 18.23 18.27
N ALA B 43 17.40 17.71 17.95
CA ALA B 43 18.09 17.25 19.15
C ALA B 43 19.24 18.06 19.60
N SER B 44 19.41 18.15 20.93
CA SER B 44 20.53 18.82 21.54
C SER B 44 21.81 17.97 21.28
N GLU B 45 22.86 18.77 21.16
CA GLU B 45 24.12 18.13 20.97
C GLU B 45 24.55 17.42 22.22
N ASP B 46 24.13 17.90 23.38
CA ASP B 46 24.64 17.23 24.59
C ASP B 46 23.84 15.98 24.94
N LEU B 47 22.72 16.04 24.28
CA LEU B 47 21.89 14.93 24.56
C LEU B 47 22.30 13.76 23.72
N LEU B 48 22.48 14.09 22.46
CA LEU B 48 22.94 13.12 21.50
C LEU B 48 24.09 12.58 22.30
N LYS B 49 25.05 13.47 22.32
CA LYS B 49 26.28 13.23 23.00
C LYS B 49 26.07 12.30 24.19
N GLU B 50 25.08 12.62 25.04
CA GLU B 50 24.78 11.85 26.24
C GLU B 50 24.55 10.39 25.91
N HIS B 51 23.79 10.32 24.80
CA HIS B 51 23.32 9.11 24.15
C HIS B 51 24.41 8.43 23.37
N TYR B 52 24.87 9.02 22.28
CA TYR B 52 25.90 8.28 21.57
C TYR B 52 27.19 7.87 22.29
N ILE B 53 27.13 8.18 23.61
CA ILE B 53 28.14 7.96 24.64
C ILE B 53 29.26 6.95 24.41
N ASP B 54 28.95 5.69 24.07
CA ASP B 54 29.88 4.58 23.84
C ASP B 54 30.82 4.80 22.65
N LEU B 55 30.28 5.17 21.47
CA LEU B 55 31.11 5.58 20.32
C LEU B 55 31.95 6.99 20.43
N LYS B 56 32.01 7.63 21.65
CA LYS B 56 32.66 8.85 22.23
C LYS B 56 33.79 9.51 21.43
N ASP B 57 34.55 8.78 20.82
CA ASP B 57 35.69 9.13 19.97
C ASP B 57 35.33 8.90 18.52
N ARG B 58 35.51 7.62 18.21
CA ARG B 58 35.28 7.00 16.90
C ARG B 58 34.88 8.06 15.84
N PRO B 59 35.93 8.07 14.91
CA PRO B 59 36.08 8.79 13.64
C PRO B 59 34.81 9.28 13.01
N PHE B 60 33.67 8.67 13.32
CA PHE B 60 32.43 9.09 12.70
C PHE B 60 31.70 10.01 13.65
N PHE B 61 31.94 9.66 14.95
CA PHE B 61 31.40 10.27 16.19
C PHE B 61 30.78 11.65 16.11
N ALA B 62 31.65 12.62 15.95
CA ALA B 62 31.11 13.96 15.92
C ALA B 62 30.42 14.28 14.61
N GLY B 63 30.78 13.52 13.56
CA GLY B 63 30.14 13.71 12.24
C GLY B 63 28.63 13.39 12.27
N LEU B 64 28.43 12.40 13.14
CA LEU B 64 27.21 11.85 13.58
C LEU B 64 26.46 12.91 14.36
N VAL B 65 27.12 13.17 15.47
CA VAL B 65 26.37 14.04 16.29
C VAL B 65 25.80 15.23 15.60
N LYS B 66 26.68 15.66 14.73
CA LYS B 66 26.37 16.89 14.03
C LYS B 66 25.09 16.65 13.25
N TYR B 67 25.17 15.57 12.53
CA TYR B 67 24.08 15.23 11.66
C TYR B 67 22.74 15.04 12.31
N MET B 68 22.88 14.38 13.44
CA MET B 68 21.71 14.02 14.25
C MET B 68 20.97 15.19 14.77
N HIS B 69 21.74 16.27 14.84
CA HIS B 69 21.40 17.65 15.25
C HIS B 69 20.90 18.54 14.11
N SER B 70 21.24 18.25 12.87
CA SER B 70 20.78 18.95 11.69
C SER B 70 19.34 19.08 11.43
N GLY B 71 18.54 18.21 12.02
CA GLY B 71 17.06 18.12 11.90
C GLY B 71 16.40 17.51 13.14
N PRO B 72 15.06 17.68 12.98
CA PRO B 72 14.13 17.30 13.96
C PRO B 72 14.06 15.79 13.85
N VAL B 73 13.67 15.17 14.94
CA VAL B 73 13.48 13.75 14.93
C VAL B 73 12.20 13.41 15.63
N VAL B 74 11.76 12.19 15.24
CA VAL B 74 10.66 11.54 15.94
C VAL B 74 11.14 10.56 17.04
N ALA B 75 11.07 10.96 18.35
CA ALA B 75 11.49 10.09 19.42
C ALA B 75 10.24 9.30 19.83
N MET B 76 10.51 7.97 20.01
CA MET B 76 9.46 7.12 20.52
C MET B 76 9.91 5.94 21.27
N VAL B 77 8.91 5.70 22.12
CA VAL B 77 8.80 4.56 23.02
C VAL B 77 7.68 3.64 22.53
N TRP B 78 8.06 2.36 22.32
CA TRP B 78 7.16 1.22 21.95
C TRP B 78 7.13 -0.01 22.94
N GLU B 79 5.99 -0.68 23.00
CA GLU B 79 5.99 -1.76 24.00
C GLU B 79 5.36 -3.07 23.54
N GLY B 80 5.98 -4.16 24.04
CA GLY B 80 5.49 -5.42 23.66
C GLY B 80 6.45 -6.44 24.06
N LEU B 81 5.85 -7.62 24.08
CA LEU B 81 6.66 -8.78 24.28
C LEU B 81 7.91 -8.71 23.38
N ASN B 82 9.04 -8.72 24.07
CA ASN B 82 10.26 -8.52 23.30
C ASN B 82 10.21 -7.33 22.32
N VAL B 83 9.94 -6.09 22.66
CA VAL B 83 10.02 -5.23 21.51
C VAL B 83 11.47 -4.93 21.04
N VAL B 84 12.33 -4.80 22.08
CA VAL B 84 13.74 -4.55 21.81
C VAL B 84 14.35 -5.39 20.66
N LYS B 85 14.48 -6.65 21.00
CA LYS B 85 14.91 -7.51 19.91
C LYS B 85 14.00 -7.50 18.68
N THR B 86 12.68 -7.60 18.88
CA THR B 86 11.96 -7.69 17.57
C THR B 86 12.05 -6.48 16.67
N GLY B 87 11.96 -5.39 17.43
CA GLY B 87 12.17 -4.13 16.78
C GLY B 87 13.47 -4.27 15.92
N ARG B 88 14.59 -4.47 16.63
CA ARG B 88 15.81 -4.52 15.87
C ARG B 88 15.61 -5.13 14.51
N VAL B 89 14.98 -6.29 14.61
CA VAL B 89 14.73 -7.11 13.47
C VAL B 89 14.05 -6.38 12.39
N MET B 90 13.07 -5.71 12.90
CA MET B 90 12.22 -4.95 11.99
C MET B 90 12.87 -3.93 11.16
N LEU B 91 13.91 -3.48 11.85
CA LEU B 91 14.65 -2.34 11.37
C LEU B 91 15.60 -2.70 10.32
N GLY B 92 16.17 -3.80 10.75
CA GLY B 92 17.17 -4.25 9.83
C GLY B 92 18.44 -4.10 10.61
N GLU B 93 19.46 -4.30 9.75
CA GLU B 93 20.86 -4.30 10.06
C GLU B 93 21.38 -2.88 9.91
N THR B 94 21.80 -2.22 11.02
CA THR B 94 22.30 -0.86 11.04
C THR B 94 22.90 -0.39 9.70
N ASN B 95 23.64 -1.36 9.09
CA ASN B 95 24.25 -1.22 7.78
C ASN B 95 23.33 -1.63 6.63
N PRO B 96 22.50 -0.65 6.19
CA PRO B 96 21.44 -0.81 5.20
C PRO B 96 21.75 -1.66 4.01
N ALA B 97 22.96 -2.18 3.98
CA ALA B 97 23.30 -3.01 2.84
C ALA B 97 23.22 -4.46 3.27
N ASP B 98 23.38 -4.59 4.62
CA ASP B 98 23.24 -5.88 5.27
C ASP B 98 21.81 -6.14 5.72
N SER B 99 20.90 -5.22 5.46
CA SER B 99 19.46 -5.24 5.78
C SER B 99 18.65 -5.72 4.56
N LYS B 100 17.92 -6.77 4.84
CA LYS B 100 17.13 -7.51 3.89
C LYS B 100 15.94 -6.75 3.62
N PRO B 101 15.49 -6.89 2.44
CA PRO B 101 14.22 -6.28 2.11
C PRO B 101 13.07 -6.68 3.02
N GLY B 102 12.22 -5.75 3.37
CA GLY B 102 11.19 -6.29 4.26
C GLY B 102 11.16 -5.57 5.54
N THR B 103 12.42 -5.26 5.87
CA THR B 103 12.79 -4.44 7.04
C THR B 103 12.95 -3.00 6.50
N ILE B 104 12.61 -2.08 7.41
CA ILE B 104 12.79 -0.61 7.21
C ILE B 104 14.01 -0.14 6.44
N ARG B 105 15.15 -0.36 7.09
CA ARG B 105 16.33 0.04 6.36
C ARG B 105 16.27 -0.76 5.09
N GLY B 106 16.14 -2.06 5.17
CA GLY B 106 16.21 -2.82 3.91
C GLY B 106 15.46 -2.28 2.72
N ASP B 107 14.36 -1.78 3.18
CA ASP B 107 13.34 -1.23 2.31
C ASP B 107 13.59 0.11 1.71
N PHE B 108 13.99 1.02 2.64
CA PHE B 108 14.19 2.38 2.16
C PHE B 108 15.44 3.22 2.35
N CYS B 109 16.63 2.66 2.32
CA CYS B 109 17.72 3.58 2.54
C CYS B 109 18.98 2.82 2.12
N ILE B 110 20.06 3.55 1.77
CA ILE B 110 21.34 3.02 1.24
C ILE B 110 22.59 2.96 2.13
N GLN B 111 22.95 4.07 2.74
CA GLN B 111 24.14 4.03 3.52
C GLN B 111 23.82 4.21 4.97
N VAL B 112 24.78 3.70 5.73
CA VAL B 112 24.82 3.67 7.19
C VAL B 112 24.86 5.03 7.93
N GLY B 113 25.20 6.06 7.14
CA GLY B 113 25.33 7.41 7.62
C GLY B 113 23.95 8.03 7.58
N ARG B 114 23.36 7.61 6.49
CA ARG B 114 21.97 8.00 6.34
C ARG B 114 21.06 6.76 6.66
N ASN B 115 21.01 6.34 7.99
CA ASN B 115 20.30 5.12 8.51
C ASN B 115 18.82 5.07 9.03
N ILE B 116 18.12 6.18 8.91
CA ILE B 116 16.78 6.71 9.11
C ILE B 116 16.22 6.49 10.44
N ILE B 117 16.83 5.52 11.09
CA ILE B 117 16.26 5.25 12.40
C ILE B 117 17.34 4.53 13.15
N HIS B 118 17.02 4.37 14.40
CA HIS B 118 17.84 3.75 15.40
C HIS B 118 16.89 3.05 16.34
N GLY B 119 17.46 2.00 16.97
CA GLY B 119 16.76 1.22 17.97
C GLY B 119 17.56 0.64 19.14
N SER B 120 16.95 0.64 20.35
CA SER B 120 17.68 0.21 21.57
C SER B 120 18.23 -1.12 21.26
N ASP B 121 19.49 -1.36 21.56
CA ASP B 121 19.91 -2.70 21.18
C ASP B 121 19.93 -3.59 22.43
N SER B 122 19.28 -3.17 23.45
CA SER B 122 19.46 -4.01 24.62
C SER B 122 18.44 -3.37 25.47
N VAL B 123 18.12 -4.18 26.45
CA VAL B 123 17.09 -3.70 27.32
C VAL B 123 17.63 -2.56 28.18
N GLU B 124 18.68 -2.93 28.86
CA GLU B 124 19.24 -1.92 29.73
C GLU B 124 19.39 -0.72 28.93
N SER B 125 19.82 -0.98 27.67
CA SER B 125 20.08 0.08 26.75
C SER B 125 18.79 0.81 26.60
N ALA B 126 17.81 0.06 26.17
CA ALA B 126 16.49 0.61 26.00
C ALA B 126 16.21 1.67 27.05
N GLU B 127 16.06 1.22 28.24
CA GLU B 127 15.70 2.16 29.26
C GLU B 127 16.52 3.36 29.45
N LYS B 128 17.79 3.12 29.44
CA LYS B 128 18.57 4.32 29.58
C LYS B 128 18.07 5.37 28.58
N GLU B 129 18.14 5.05 27.30
CA GLU B 129 17.66 6.01 26.30
C GLU B 129 16.29 6.48 26.59
N ILE B 130 15.53 5.58 27.18
CA ILE B 130 14.18 5.91 27.57
C ILE B 130 14.22 7.14 28.53
N ALA B 131 14.78 6.83 29.71
CA ALA B 131 15.04 7.71 30.84
C ALA B 131 15.66 9.06 30.51
N LEU B 132 16.66 8.90 29.58
CA LEU B 132 17.46 9.90 28.87
C LEU B 132 16.54 10.75 28.05
N TRP B 133 16.05 10.19 26.95
CA TRP B 133 15.11 11.06 26.25
C TRP B 133 13.74 11.34 26.87
N PHE B 134 13.25 10.75 27.94
CA PHE B 134 11.91 11.28 28.24
C PHE B 134 11.70 11.24 29.71
N HIS B 135 10.79 12.15 29.88
CA HIS B 135 10.34 12.46 31.17
C HIS B 135 9.26 11.51 31.36
N PRO B 136 9.55 10.74 32.34
CA PRO B 136 8.62 9.83 32.86
C PRO B 136 7.21 10.32 33.02
N GLU B 137 6.61 10.98 32.09
CA GLU B 137 5.23 11.33 32.33
C GLU B 137 4.67 11.56 30.96
N GLU B 138 5.56 11.31 30.00
CA GLU B 138 5.27 11.42 28.58
C GLU B 138 4.82 10.08 27.92
N LEU B 139 4.86 9.10 28.83
CA LEU B 139 4.60 7.68 28.68
C LEU B 139 3.20 7.36 29.03
N VAL B 140 2.41 7.08 27.99
CA VAL B 140 1.00 6.81 28.23
C VAL B 140 0.74 5.35 28.46
N ASN B 141 0.17 5.13 29.68
CA ASN B 141 -0.33 3.82 30.15
C ASN B 141 -1.85 3.69 29.87
N TYR B 142 -2.18 2.75 28.94
CA TYR B 142 -3.47 2.38 28.31
C TYR B 142 -3.40 0.98 27.66
N LYS B 143 -4.54 0.47 27.25
CA LYS B 143 -4.45 -0.88 26.69
C LYS B 143 -4.97 -0.94 25.29
N SER B 144 -4.41 -1.76 24.38
CA SER B 144 -5.08 -1.93 23.05
C SER B 144 -6.37 -2.75 23.09
N CYS B 145 -7.30 -2.29 22.26
CA CYS B 145 -8.59 -2.86 22.10
C CYS B 145 -8.69 -4.39 21.73
N ALA B 146 -7.60 -4.79 21.02
CA ALA B 146 -7.41 -6.13 20.48
C ALA B 146 -6.18 -6.73 21.11
N GLN B 147 -5.93 -6.30 22.32
CA GLN B 147 -4.75 -6.85 22.90
C GLN B 147 -4.86 -8.35 23.02
N ASN B 148 -6.11 -8.83 23.30
CA ASN B 148 -6.52 -10.24 23.47
C ASN B 148 -6.45 -11.10 22.25
N TRP B 149 -6.30 -10.37 21.18
CA TRP B 149 -6.05 -10.89 19.85
C TRP B 149 -4.56 -11.00 19.58
N ILE B 150 -3.72 -10.36 20.37
CA ILE B 150 -2.29 -10.41 20.09
C ILE B 150 -1.62 -11.26 21.12
N TYR B 151 -2.28 -11.18 22.29
CA TYR B 151 -1.91 -11.88 23.52
C TYR B 151 -2.95 -12.80 24.01
N GLU B 152 -2.32 -13.88 24.47
CA GLU B 152 -3.10 -14.93 25.04
C GLU B 152 -3.13 -14.64 26.51
N ALA C 2 31.89 4.63 -5.03
CA ALA C 2 30.90 4.00 -5.88
C ALA C 2 29.44 4.46 -5.70
N ASN C 3 29.13 5.77 -5.60
CA ASN C 3 27.72 6.07 -5.43
C ASN C 3 27.15 6.34 -6.78
N SER C 4 27.92 6.02 -7.76
CA SER C 4 27.31 6.30 -9.04
C SER C 4 27.39 5.01 -9.84
N GLU C 5 27.45 3.90 -9.04
CA GLU C 5 27.42 2.64 -9.72
C GLU C 5 26.04 2.62 -10.30
N ARG C 6 26.00 2.14 -11.57
CA ARG C 6 24.75 1.90 -12.27
C ARG C 6 24.44 0.43 -12.52
N THR C 7 23.18 0.19 -12.72
CA THR C 7 22.79 -1.17 -12.97
C THR C 7 21.64 -1.22 -13.96
N PHE C 8 21.56 -2.35 -14.68
CA PHE C 8 20.48 -2.50 -15.61
C PHE C 8 19.39 -3.49 -15.11
N ILE C 9 18.11 -3.17 -15.21
CA ILE C 9 17.04 -3.90 -14.69
C ILE C 9 15.96 -3.94 -15.71
N ALA C 10 15.59 -5.07 -16.24
CA ALA C 10 14.53 -5.02 -17.17
C ALA C 10 13.44 -5.87 -16.56
N ILE C 11 12.23 -5.43 -16.84
CA ILE C 11 10.98 -5.94 -16.32
C ILE C 11 10.43 -6.68 -17.48
N LYS C 12 10.45 -8.01 -17.40
CA LYS C 12 10.13 -8.87 -18.49
C LYS C 12 8.72 -8.75 -18.93
N PRO C 13 8.37 -9.41 -20.01
CA PRO C 13 7.03 -9.37 -20.56
C PRO C 13 5.91 -9.83 -19.57
N ASP C 14 6.36 -10.82 -18.79
CA ASP C 14 5.40 -11.28 -17.80
C ASP C 14 5.08 -10.15 -16.78
N GLY C 15 6.09 -9.39 -16.28
CA GLY C 15 5.90 -8.34 -15.26
C GLY C 15 5.07 -7.23 -15.92
N VAL C 16 5.20 -7.18 -17.23
CA VAL C 16 4.40 -6.21 -17.87
C VAL C 16 3.02 -6.69 -17.88
N GLN C 17 2.73 -7.73 -18.64
CA GLN C 17 1.36 -8.23 -18.77
C GLN C 17 0.71 -8.28 -17.42
N ARG C 18 1.39 -8.75 -16.40
CA ARG C 18 0.75 -8.82 -15.10
C ARG C 18 0.74 -7.53 -14.20
N GLY C 19 0.78 -6.32 -14.81
CA GLY C 19 0.79 -5.04 -14.09
C GLY C 19 1.78 -4.89 -12.92
N LEU C 20 3.05 -5.18 -13.04
CA LEU C 20 3.87 -4.85 -11.86
C LEU C 20 4.96 -3.73 -12.09
N ILE C 21 4.71 -3.05 -13.25
CA ILE C 21 5.56 -1.93 -13.77
C ILE C 21 5.69 -0.86 -12.69
N GLY C 22 4.58 -0.41 -12.10
CA GLY C 22 4.66 0.44 -10.94
C GLY C 22 5.20 -0.14 -9.67
N GLU C 23 4.80 -1.38 -9.35
CA GLU C 23 5.21 -1.92 -8.08
C GLU C 23 6.70 -2.05 -7.91
N ILE C 24 7.26 -2.49 -9.02
CA ILE C 24 8.66 -2.74 -9.28
C ILE C 24 9.55 -1.49 -9.17
N ILE C 25 9.23 -0.47 -9.92
CA ILE C 25 9.87 0.88 -10.01
C ILE C 25 9.95 1.55 -8.66
N LYS C 26 8.77 1.55 -8.09
CA LYS C 26 8.61 2.08 -6.73
C LYS C 26 9.65 1.56 -5.74
N ARG C 27 9.78 0.29 -5.69
CA ARG C 27 10.71 -0.35 -4.81
C ARG C 27 12.05 0.31 -4.91
N PHE C 28 12.37 0.62 -6.20
CA PHE C 28 13.65 1.31 -6.56
C PHE C 28 13.71 2.73 -6.01
N GLU C 29 12.68 3.38 -6.50
CA GLU C 29 12.38 4.69 -5.92
C GLU C 29 12.37 4.68 -4.43
N GLN C 30 11.70 3.79 -3.73
CA GLN C 30 11.77 4.14 -2.31
C GLN C 30 12.95 3.75 -1.50
N LYS C 31 13.77 3.00 -2.17
CA LYS C 31 14.95 2.50 -1.45
C LYS C 31 15.91 3.69 -1.36
N GLY C 32 16.02 4.21 -2.58
CA GLY C 32 16.94 5.29 -2.69
C GLY C 32 17.84 5.36 -3.93
N PHE C 33 17.37 4.88 -5.06
CA PHE C 33 18.09 4.75 -6.30
C PHE C 33 17.65 5.79 -7.21
N ARG C 34 18.47 5.94 -8.24
CA ARG C 34 17.97 7.02 -9.06
C ARG C 34 17.80 6.39 -10.37
N LEU C 35 16.63 6.68 -10.86
CA LEU C 35 16.42 6.22 -12.18
C LEU C 35 17.18 7.16 -13.11
N VAL C 36 17.94 6.38 -13.93
CA VAL C 36 18.80 6.98 -14.94
C VAL C 36 18.33 6.95 -16.36
N ALA C 37 17.98 5.78 -16.83
CA ALA C 37 17.34 5.72 -18.14
C ALA C 37 16.20 4.71 -18.11
N MET C 38 15.21 4.98 -18.90
CA MET C 38 14.19 3.98 -18.89
C MET C 38 13.50 3.86 -20.22
N LYS C 39 13.04 2.67 -20.67
CA LYS C 39 12.42 2.69 -21.98
C LYS C 39 11.61 1.45 -21.95
N PHE C 40 10.49 1.49 -22.68
CA PHE C 40 9.53 0.45 -22.95
C PHE C 40 9.51 0.10 -24.41
N MET C 41 9.88 -1.13 -24.70
CA MET C 41 10.01 -1.79 -26.00
C MET C 41 9.99 -3.31 -25.81
N ARG C 42 9.91 -3.94 -26.99
CA ARG C 42 9.98 -5.36 -27.41
C ARG C 42 11.32 -5.59 -28.05
N ALA C 43 12.23 -6.22 -27.32
CA ALA C 43 13.60 -6.50 -27.74
C ALA C 43 13.66 -7.49 -28.88
N SER C 44 14.41 -7.25 -29.93
CA SER C 44 14.54 -8.18 -31.04
C SER C 44 15.26 -9.44 -30.61
N GLU C 45 15.06 -10.37 -31.54
CA GLU C 45 15.77 -11.59 -31.17
C GLU C 45 17.27 -11.46 -31.15
N ASP C 46 17.75 -10.80 -32.20
CA ASP C 46 19.16 -10.69 -32.26
C ASP C 46 19.71 -10.07 -30.97
N LEU C 47 18.85 -9.17 -30.50
CA LEU C 47 19.11 -8.35 -29.31
C LEU C 47 19.13 -9.34 -28.22
N LEU C 48 18.06 -10.12 -28.41
CA LEU C 48 17.87 -11.13 -27.39
C LEU C 48 19.01 -12.07 -27.04
N LYS C 49 19.48 -12.60 -28.18
CA LYS C 49 20.50 -13.61 -28.16
C LYS C 49 21.78 -13.03 -27.64
N GLU C 50 21.94 -11.77 -28.08
CA GLU C 50 23.11 -10.96 -27.81
C GLU C 50 23.12 -10.87 -26.31
N HIS C 51 21.94 -10.65 -25.83
CA HIS C 51 21.73 -10.50 -24.42
C HIS C 51 22.21 -11.69 -23.63
N TYR C 52 21.47 -12.73 -23.87
CA TYR C 52 21.62 -14.02 -23.18
C TYR C 52 22.66 -15.01 -23.76
N ILE C 53 23.70 -14.42 -24.36
CA ILE C 53 24.81 -15.05 -25.03
C ILE C 53 25.42 -16.17 -24.20
N ASP C 54 25.86 -15.90 -22.97
CA ASP C 54 26.47 -16.98 -22.15
C ASP C 54 25.63 -18.27 -21.90
N LEU C 55 24.35 -18.20 -22.18
CA LEU C 55 23.49 -19.33 -21.95
C LEU C 55 23.15 -19.75 -23.31
N LYS C 56 24.14 -19.53 -24.16
CA LYS C 56 23.80 -19.85 -25.51
C LYS C 56 23.48 -21.33 -25.75
N ASP C 57 24.11 -22.03 -24.81
CA ASP C 57 24.16 -23.47 -24.67
C ASP C 57 22.99 -24.09 -23.92
N ARG C 58 22.54 -23.51 -22.80
CA ARG C 58 21.35 -24.06 -22.13
C ARG C 58 20.16 -24.51 -23.00
N PRO C 59 19.55 -25.57 -22.41
CA PRO C 59 18.34 -26.27 -22.86
C PRO C 59 17.16 -25.33 -23.03
N PHE C 60 17.10 -24.35 -22.11
CA PHE C 60 16.04 -23.35 -22.19
C PHE C 60 16.19 -22.10 -23.05
N PHE C 61 17.46 -21.82 -23.39
CA PHE C 61 17.82 -20.70 -24.25
C PHE C 61 16.73 -20.34 -25.31
N ALA C 62 16.53 -21.16 -26.34
CA ALA C 62 15.59 -20.78 -27.37
C ALA C 62 14.26 -20.24 -26.92
N GLY C 63 14.02 -20.82 -25.75
CA GLY C 63 12.81 -20.65 -24.97
C GLY C 63 12.55 -19.27 -24.44
N LEU C 64 13.71 -18.85 -23.87
CA LEU C 64 14.06 -17.60 -23.19
C LEU C 64 13.77 -16.52 -24.20
N VAL C 65 14.62 -16.60 -25.15
CA VAL C 65 14.44 -15.72 -26.25
C VAL C 65 13.04 -15.73 -26.88
N LYS C 66 12.30 -16.79 -26.83
CA LYS C 66 11.09 -16.52 -27.61
C LYS C 66 9.98 -15.79 -26.85
N TYR C 67 9.99 -16.07 -25.57
CA TYR C 67 9.13 -15.40 -24.63
C TYR C 67 9.50 -13.90 -24.42
N MET C 68 10.82 -13.59 -24.31
CA MET C 68 11.40 -12.28 -24.16
C MET C 68 11.11 -11.40 -25.33
N HIS C 69 10.60 -12.09 -26.32
CA HIS C 69 10.27 -11.36 -27.52
C HIS C 69 8.79 -11.40 -27.80
N SER C 70 8.11 -12.07 -26.86
CA SER C 70 6.69 -12.32 -26.92
C SER C 70 5.97 -11.07 -26.83
N GLY C 71 6.34 -10.42 -25.71
CA GLY C 71 5.95 -9.04 -25.39
C GLY C 71 7.04 -8.00 -25.05
N PRO C 72 6.53 -6.77 -24.69
CA PRO C 72 7.28 -5.61 -24.27
C PRO C 72 7.83 -5.79 -22.91
N VAL C 73 8.94 -5.13 -22.83
CA VAL C 73 9.71 -5.12 -21.63
C VAL C 73 9.98 -3.68 -21.20
N VAL C 74 10.47 -3.51 -20.00
CA VAL C 74 10.80 -2.19 -19.65
C VAL C 74 12.26 -2.15 -19.21
N ALA C 75 13.22 -1.67 -20.02
CA ALA C 75 14.62 -1.58 -19.65
C ALA C 75 14.89 -0.31 -18.89
N MET C 76 15.86 -0.37 -18.05
CA MET C 76 16.08 0.75 -17.22
C MET C 76 17.52 0.74 -16.65
N VAL C 77 18.11 1.94 -16.32
CA VAL C 77 19.41 2.05 -15.65
C VAL C 77 19.08 2.71 -14.33
N TRP C 78 19.61 2.18 -13.28
CA TRP C 78 19.41 2.62 -11.92
C TRP C 78 20.79 2.82 -11.30
N GLU C 79 20.95 4.01 -10.75
CA GLU C 79 22.25 4.17 -10.20
C GLU C 79 22.07 4.47 -8.76
N GLY C 80 23.15 4.02 -8.16
CA GLY C 80 23.20 4.27 -6.74
C GLY C 80 24.38 3.53 -6.22
N LEU C 81 24.64 3.80 -4.94
CA LEU C 81 25.74 3.17 -4.15
C LEU C 81 25.49 1.62 -4.09
N ASN C 82 26.26 0.79 -4.81
CA ASN C 82 25.96 -0.64 -4.84
C ASN C 82 24.75 -1.08 -5.71
N VAL C 83 24.09 -0.15 -6.39
CA VAL C 83 22.99 -0.55 -7.21
C VAL C 83 23.11 -2.00 -7.59
N VAL C 84 24.06 -2.21 -8.47
CA VAL C 84 24.19 -3.61 -8.90
C VAL C 84 23.78 -4.74 -7.92
N LYS C 85 24.59 -4.90 -6.79
CA LYS C 85 24.41 -5.94 -5.84
C LYS C 85 23.26 -5.80 -4.88
N THR C 86 22.98 -4.55 -4.62
CA THR C 86 21.77 -4.33 -3.81
C THR C 86 20.53 -4.60 -4.66
N GLY C 87 20.47 -4.24 -5.97
CA GLY C 87 19.32 -4.53 -6.82
C GLY C 87 19.11 -6.04 -6.99
N ARG C 88 20.07 -6.77 -6.50
CA ARG C 88 19.75 -8.14 -6.78
C ARG C 88 19.12 -8.70 -5.52
N VAL C 89 19.63 -8.28 -4.38
CA VAL C 89 18.96 -8.80 -3.19
C VAL C 89 17.49 -8.33 -3.22
N MET C 90 17.29 -7.10 -3.60
CA MET C 90 15.95 -6.56 -3.81
C MET C 90 15.10 -7.47 -4.67
N LEU C 91 15.64 -8.03 -5.75
CA LEU C 91 15.04 -8.93 -6.74
C LEU C 91 14.64 -10.37 -6.16
N GLY C 92 15.56 -10.86 -5.36
CA GLY C 92 15.64 -12.16 -4.69
C GLY C 92 16.30 -13.21 -5.62
N GLU C 93 16.10 -14.51 -5.32
CA GLU C 93 16.62 -15.58 -6.15
C GLU C 93 16.10 -15.67 -7.57
N THR C 94 17.02 -16.01 -8.42
CA THR C 94 16.62 -16.05 -9.81
C THR C 94 15.36 -16.84 -10.10
N ASN C 95 15.27 -17.94 -9.33
CA ASN C 95 14.27 -19.01 -9.14
C ASN C 95 13.41 -18.46 -8.08
N PRO C 96 12.27 -17.93 -8.52
CA PRO C 96 11.28 -17.32 -7.63
C PRO C 96 10.90 -18.14 -6.42
N ALA C 97 11.44 -19.34 -6.34
CA ALA C 97 11.01 -20.20 -5.30
C ALA C 97 12.05 -20.16 -4.31
N ASP C 98 13.19 -19.73 -4.78
CA ASP C 98 14.19 -19.73 -3.73
C ASP C 98 14.32 -18.40 -2.94
N SER C 99 13.57 -17.42 -3.52
CA SER C 99 13.53 -15.99 -3.28
C SER C 99 12.59 -15.50 -2.26
N LYS C 100 13.21 -15.13 -1.15
CA LYS C 100 12.41 -14.63 -0.04
C LYS C 100 11.20 -13.66 -0.17
N PRO C 101 10.54 -13.29 0.95
CA PRO C 101 9.42 -12.41 0.86
C PRO C 101 9.98 -11.09 1.04
N GLY C 102 9.15 -10.14 0.59
CA GLY C 102 9.73 -8.82 0.60
C GLY C 102 10.44 -8.60 -0.76
N THR C 103 10.99 -9.58 -1.49
CA THR C 103 11.69 -9.31 -2.73
C THR C 103 10.78 -9.27 -3.86
N ILE C 104 11.20 -8.94 -5.01
CA ILE C 104 10.16 -8.78 -5.99
C ILE C 104 9.57 -10.05 -6.46
N ARG C 105 10.48 -11.00 -6.71
CA ARG C 105 10.21 -12.37 -7.17
C ARG C 105 9.48 -13.05 -6.02
N GLY C 106 10.22 -13.01 -4.88
CA GLY C 106 9.77 -13.46 -3.62
C GLY C 106 8.33 -13.04 -3.49
N ASP C 107 7.96 -11.83 -3.73
CA ASP C 107 6.55 -11.59 -3.59
C ASP C 107 5.62 -11.69 -4.82
N PHE C 108 6.06 -11.89 -6.03
CA PHE C 108 5.03 -11.74 -7.13
C PHE C 108 5.13 -12.76 -8.24
N CYS C 109 6.00 -13.71 -7.89
CA CYS C 109 6.05 -14.66 -8.99
C CYS C 109 6.48 -16.02 -8.48
N ILE C 110 6.41 -16.99 -9.34
CA ILE C 110 6.71 -18.40 -8.99
C ILE C 110 7.55 -19.19 -10.04
N GLN C 111 7.30 -19.13 -11.35
CA GLN C 111 8.31 -19.91 -11.99
C GLN C 111 9.47 -19.19 -12.74
N VAL C 112 10.77 -19.56 -12.55
CA VAL C 112 12.00 -19.08 -13.18
C VAL C 112 11.71 -18.99 -14.65
N GLY C 113 10.69 -19.54 -15.24
CA GLY C 113 10.57 -19.27 -16.66
C GLY C 113 9.65 -18.06 -16.86
N ARG C 114 9.38 -17.58 -15.70
CA ARG C 114 8.51 -16.41 -15.74
C ARG C 114 8.93 -15.62 -14.54
N ASN C 115 10.15 -15.05 -14.53
CA ASN C 115 10.39 -14.57 -13.18
C ASN C 115 10.50 -13.09 -13.16
N ILE C 116 9.82 -12.34 -14.03
CA ILE C 116 9.25 -11.01 -14.35
C ILE C 116 10.32 -9.93 -14.40
N ILE C 117 11.44 -10.05 -13.75
CA ILE C 117 12.43 -9.06 -13.77
C ILE C 117 13.83 -9.59 -14.05
N HIS C 118 14.63 -8.70 -14.59
CA HIS C 118 15.97 -9.13 -14.82
C HIS C 118 16.79 -8.08 -14.12
N GLY C 119 17.93 -8.45 -13.56
CA GLY C 119 18.89 -7.57 -12.92
C GLY C 119 20.33 -7.91 -13.38
N SER C 120 21.23 -6.92 -13.59
CA SER C 120 22.64 -7.25 -13.86
C SER C 120 23.25 -7.81 -12.54
N ASP C 121 24.11 -8.80 -12.79
CA ASP C 121 24.78 -9.54 -11.73
C ASP C 121 26.11 -8.96 -11.23
N SER C 122 26.61 -8.28 -12.28
CA SER C 122 27.91 -7.65 -12.27
C SER C 122 27.98 -6.36 -13.05
N VAL C 123 28.81 -5.64 -12.36
CA VAL C 123 29.17 -4.32 -12.77
C VAL C 123 29.53 -4.37 -14.22
N GLU C 124 30.45 -5.24 -14.59
CA GLU C 124 30.67 -5.18 -16.02
C GLU C 124 29.52 -5.67 -16.89
N SER C 125 28.80 -6.60 -16.31
CA SER C 125 27.69 -7.05 -17.09
C SER C 125 26.78 -5.84 -17.16
N ALA C 126 26.64 -5.19 -15.95
CA ALA C 126 25.78 -4.00 -15.79
C ALA C 126 26.13 -3.24 -17.03
N GLU C 127 27.39 -2.85 -16.97
CA GLU C 127 28.01 -2.07 -18.03
C GLU C 127 27.67 -2.35 -19.46
N LYS C 128 27.77 -3.70 -19.63
CA LYS C 128 27.56 -4.40 -20.90
C LYS C 128 26.14 -4.34 -21.43
N GLU C 129 25.27 -4.67 -20.48
CA GLU C 129 23.87 -4.70 -20.80
C GLU C 129 23.52 -3.30 -21.14
N ILE C 130 23.92 -2.49 -20.15
CA ILE C 130 23.58 -1.10 -20.17
C ILE C 130 23.78 -0.59 -21.56
N ALA C 131 24.99 -0.93 -21.98
CA ALA C 131 25.36 -0.40 -23.30
C ALA C 131 24.69 -1.10 -24.45
N LEU C 132 24.49 -2.38 -24.13
CA LEU C 132 23.90 -3.09 -25.21
C LEU C 132 22.47 -2.56 -25.28
N TRP C 133 21.93 -2.03 -24.20
CA TRP C 133 20.54 -1.67 -24.47
C TRP C 133 20.21 -0.26 -24.91
N PHE C 134 21.07 0.62 -24.48
CA PHE C 134 20.89 2.03 -24.77
C PHE C 134 22.12 2.82 -25.18
N HIS C 135 21.79 3.56 -26.24
CA HIS C 135 22.74 4.59 -26.67
C HIS C 135 23.02 5.59 -25.51
N PRO C 136 24.33 5.88 -25.38
CA PRO C 136 25.00 6.77 -24.42
C PRO C 136 24.23 7.95 -23.99
N GLU C 137 23.42 8.43 -24.96
CA GLU C 137 22.71 9.63 -24.64
C GLU C 137 21.25 9.44 -24.56
N GLU C 138 20.92 8.66 -23.54
CA GLU C 138 19.59 8.26 -23.21
C GLU C 138 19.66 8.15 -21.73
N LEU C 139 20.91 8.44 -21.30
CA LEU C 139 21.11 8.32 -19.87
C LEU C 139 21.14 9.62 -19.07
N VAL C 140 20.00 9.98 -18.58
CA VAL C 140 19.85 11.25 -17.92
C VAL C 140 20.53 11.44 -16.59
N ASN C 141 21.14 12.63 -16.65
CA ASN C 141 21.92 13.21 -15.61
C ASN C 141 21.34 14.45 -14.96
N TYR C 142 21.13 14.14 -13.68
CA TYR C 142 20.47 14.98 -12.69
C TYR C 142 20.92 14.59 -11.26
N LYS C 143 20.73 15.48 -10.30
CA LYS C 143 21.04 15.15 -8.91
C LYS C 143 19.71 15.03 -8.15
N SER C 144 19.68 14.30 -7.03
CA SER C 144 18.41 14.20 -6.32
C SER C 144 18.23 15.21 -5.21
N CYS C 145 17.08 15.84 -5.12
CA CYS C 145 16.96 16.69 -3.98
C CYS C 145 17.32 16.11 -2.60
N ALA C 146 17.13 14.84 -2.40
CA ALA C 146 17.36 14.20 -1.13
C ALA C 146 18.68 13.55 -1.05
N GLN C 147 19.20 13.57 -2.26
CA GLN C 147 20.47 12.92 -2.45
C GLN C 147 21.44 12.96 -1.28
N ASN C 148 21.32 14.01 -0.50
CA ASN C 148 22.18 14.22 0.68
C ASN C 148 21.59 14.02 2.09
N TRP C 149 20.58 13.18 1.97
CA TRP C 149 19.67 12.67 2.97
C TRP C 149 19.85 11.20 2.72
N ILE C 150 20.19 10.98 1.45
CA ILE C 150 20.52 9.64 1.15
C ILE C 150 21.98 9.39 1.43
N TYR C 151 22.75 10.31 0.80
CA TYR C 151 24.16 10.10 0.96
C TYR C 151 24.80 11.11 1.81
N GLU C 152 25.73 10.63 2.65
CA GLU C 152 26.60 11.42 3.50
C GLU C 152 27.75 11.92 2.58
N ALA D 2 1.69 32.35 2.72
CA ALA D 2 0.55 31.50 2.79
C ALA D 2 1.11 30.12 2.82
N ASN D 3 2.08 29.82 2.01
CA ASN D 3 2.59 28.52 2.20
C ASN D 3 3.40 28.33 3.44
N SER D 4 2.99 28.97 4.46
CA SER D 4 3.69 28.78 5.69
C SER D 4 2.58 28.83 6.75
N GLU D 5 1.32 28.88 6.28
CA GLU D 5 0.01 28.64 6.91
C GLU D 5 0.19 27.29 7.56
N ARG D 6 -0.49 27.16 8.67
CA ARG D 6 -0.45 25.89 9.39
C ARG D 6 -1.83 25.62 9.97
N THR D 7 -1.95 24.34 10.27
CA THR D 7 -3.13 23.74 10.83
C THR D 7 -2.71 22.69 11.80
N PHE D 8 -3.66 22.46 12.67
CA PHE D 8 -3.57 21.62 13.87
C PHE D 8 -4.30 20.35 13.62
N ILE D 9 -3.44 19.32 13.54
CA ILE D 9 -3.85 17.95 13.38
C ILE D 9 -3.82 17.04 14.65
N ALA D 10 -5.02 16.67 15.14
CA ALA D 10 -5.08 15.70 16.22
C ALA D 10 -5.80 14.36 15.86
N ILE D 11 -5.22 13.27 16.30
CA ILE D 11 -5.70 11.94 16.00
C ILE D 11 -6.26 11.45 17.32
N LYS D 12 -7.60 11.21 17.15
CA LYS D 12 -8.54 10.72 18.14
C LYS D 12 -8.14 9.38 18.73
N PRO D 13 -8.58 9.24 19.98
CA PRO D 13 -8.13 8.00 20.59
C PRO D 13 -8.43 6.74 19.73
N ASP D 14 -9.44 6.91 18.90
CA ASP D 14 -9.95 5.88 18.11
C ASP D 14 -9.06 5.60 16.96
N GLY D 15 -8.47 6.72 16.51
CA GLY D 15 -7.48 6.59 15.40
C GLY D 15 -6.26 5.91 16.07
N VAL D 16 -6.01 6.37 17.34
CA VAL D 16 -4.89 5.72 18.04
C VAL D 16 -5.30 4.23 18.24
N GLN D 17 -6.49 3.92 18.82
CA GLN D 17 -6.91 2.52 19.04
C GLN D 17 -6.81 1.57 17.88
N ARG D 18 -7.47 1.97 16.82
CA ARG D 18 -7.45 1.23 15.58
C ARG D 18 -6.28 1.33 14.64
N GLY D 19 -5.08 1.58 15.14
CA GLY D 19 -3.85 1.77 14.40
C GLY D 19 -3.88 2.66 13.12
N LEU D 20 -4.40 3.89 13.20
CA LEU D 20 -4.24 4.66 11.93
C LEU D 20 -3.16 5.76 12.06
N ILE D 21 -2.37 5.78 13.13
CA ILE D 21 -1.35 6.78 13.28
C ILE D 21 -0.47 6.85 12.03
N GLY D 22 0.42 5.87 11.81
CA GLY D 22 1.28 5.86 10.65
C GLY D 22 0.56 6.27 9.36
N GLU D 23 -0.60 5.78 9.21
CA GLU D 23 -1.35 5.94 7.95
C GLU D 23 -1.83 7.33 7.68
N ILE D 24 -2.45 7.89 8.69
CA ILE D 24 -2.92 9.26 8.63
C ILE D 24 -1.70 10.17 8.42
N ILE D 25 -0.63 9.94 9.20
CA ILE D 25 0.64 10.71 9.06
C ILE D 25 1.13 10.79 7.63
N LYS D 26 1.29 9.70 6.94
CA LYS D 26 1.79 9.50 5.59
C LYS D 26 0.98 10.16 4.53
N ARG D 27 -0.13 10.62 4.98
CA ARG D 27 -1.13 11.22 4.13
C ARG D 27 -0.83 12.65 3.69
N PHE D 28 -0.25 13.25 4.71
CA PHE D 28 0.31 14.63 4.87
C PHE D 28 1.69 14.63 4.23
N GLU D 29 2.54 13.76 4.90
CA GLU D 29 3.81 13.54 4.23
C GLU D 29 3.66 13.41 2.73
N GLN D 30 2.87 12.51 2.24
CA GLN D 30 3.00 12.43 0.81
C GLN D 30 2.27 13.42 0.02
N LYS D 31 1.57 14.27 0.76
CA LYS D 31 0.81 15.29 0.04
C LYS D 31 1.76 16.43 -0.24
N GLY D 32 2.64 16.57 0.69
CA GLY D 32 3.54 17.71 0.53
C GLY D 32 3.30 18.71 1.68
N PHE D 33 3.21 18.24 2.94
CA PHE D 33 2.98 19.29 3.96
C PHE D 33 4.09 19.18 4.95
N ARG D 34 4.45 20.19 5.73
CA ARG D 34 5.50 19.85 6.67
C ARG D 34 5.04 19.54 8.08
N LEU D 35 5.71 18.55 8.72
CA LEU D 35 5.33 18.29 10.10
C LEU D 35 6.01 19.36 10.95
N VAL D 36 5.21 20.30 11.36
CA VAL D 36 5.86 21.22 12.24
C VAL D 36 6.08 20.61 13.63
N ALA D 37 5.01 20.06 14.23
CA ALA D 37 5.17 19.45 15.57
C ALA D 37 4.26 18.30 15.92
N MET D 38 4.69 17.53 16.92
CA MET D 38 3.85 16.35 17.08
C MET D 38 4.26 15.65 18.34
N LYS D 39 3.24 15.26 19.15
CA LYS D 39 3.36 14.51 20.38
C LYS D 39 2.06 13.80 20.77
N PHE D 40 2.38 12.74 21.50
CA PHE D 40 1.46 11.76 22.07
C PHE D 40 1.23 11.91 23.54
N MET D 41 -0.06 12.17 23.74
CA MET D 41 -0.59 12.61 25.00
C MET D 41 -2.06 12.26 25.31
N ARG D 42 -2.32 12.28 26.62
CA ARG D 42 -3.67 12.09 27.05
C ARG D 42 -4.22 13.49 27.16
N ALA D 43 -5.03 13.91 26.21
CA ALA D 43 -5.37 15.29 26.55
C ALA D 43 -6.09 15.46 27.90
N SER D 44 -6.21 16.63 28.55
CA SER D 44 -6.91 16.79 29.86
C SER D 44 -8.35 17.23 29.63
N GLU D 45 -9.16 17.25 30.72
CA GLU D 45 -10.51 17.69 30.41
C GLU D 45 -10.56 19.20 30.18
N ASP D 46 -10.00 19.96 31.10
CA ASP D 46 -10.00 21.42 30.86
C ASP D 46 -9.44 21.86 29.46
N LEU D 47 -8.24 21.37 29.14
CA LEU D 47 -7.71 21.61 27.83
C LEU D 47 -8.85 21.46 26.81
N LEU D 48 -9.51 20.36 27.10
CA LEU D 48 -10.53 19.82 26.28
C LEU D 48 -11.74 20.65 25.94
N LYS D 49 -12.13 21.15 27.07
CA LYS D 49 -13.37 21.88 27.09
C LYS D 49 -13.17 23.15 26.33
N GLU D 50 -11.98 23.63 26.70
CA GLU D 50 -11.30 24.80 26.18
C GLU D 50 -11.12 24.51 24.71
N HIS D 51 -10.55 23.32 24.50
CA HIS D 51 -10.28 22.98 23.17
C HIS D 51 -11.57 22.88 22.40
N TYR D 52 -12.66 22.57 23.07
CA TYR D 52 -13.91 22.44 22.32
C TYR D 52 -15.10 23.31 22.77
N ILE D 53 -14.78 24.56 23.06
CA ILE D 53 -15.72 25.56 23.56
C ILE D 53 -16.73 26.14 22.59
N ASP D 54 -16.43 26.02 21.33
CA ASP D 54 -17.46 26.61 20.52
C ASP D 54 -18.77 25.84 20.55
N LEU D 55 -18.56 24.64 21.14
CA LEU D 55 -19.47 23.52 21.36
C LEU D 55 -19.95 23.33 22.77
N LYS D 56 -19.58 24.24 23.65
CA LYS D 56 -19.93 24.25 25.05
C LYS D 56 -21.39 23.92 25.22
N ASP D 57 -22.31 24.23 24.28
CA ASP D 57 -23.75 23.94 24.52
C ASP D 57 -24.45 22.94 23.59
N ARG D 58 -23.75 21.81 23.50
CA ARG D 58 -24.11 20.65 22.66
C ARG D 58 -24.46 19.31 23.35
N PRO D 59 -25.65 18.81 22.98
CA PRO D 59 -26.03 17.53 23.55
C PRO D 59 -24.77 16.68 23.80
N PHE D 60 -24.03 16.40 22.74
CA PHE D 60 -22.84 15.60 22.87
C PHE D 60 -21.80 16.07 23.84
N PHE D 61 -21.36 17.32 23.64
CA PHE D 61 -20.40 17.82 24.57
C PHE D 61 -20.47 17.06 25.92
N ALA D 62 -19.34 16.88 26.55
CA ALA D 62 -19.21 16.24 27.83
C ALA D 62 -19.04 14.78 27.68
N GLY D 63 -19.63 14.33 26.58
CA GLY D 63 -19.49 13.00 26.03
C GLY D 63 -18.28 13.02 25.10
N LEU D 64 -18.30 14.14 24.40
CA LEU D 64 -17.24 14.59 23.53
C LEU D 64 -16.06 14.78 24.44
N VAL D 65 -16.33 15.28 25.56
CA VAL D 65 -15.11 15.41 26.37
C VAL D 65 -14.42 14.10 26.78
N LYS D 66 -15.25 13.42 27.59
CA LYS D 66 -15.01 12.13 28.20
C LYS D 66 -14.33 11.19 27.22
N TYR D 67 -15.00 11.06 26.08
CA TYR D 67 -14.40 10.22 25.07
C TYR D 67 -12.96 10.63 24.71
N MET D 68 -12.84 11.94 24.50
CA MET D 68 -11.53 12.36 24.04
C MET D 68 -10.56 12.27 25.12
N HIS D 69 -11.11 12.04 26.30
CA HIS D 69 -10.22 12.04 27.43
C HIS D 69 -9.76 10.67 27.79
N SER D 70 -10.57 9.78 27.10
CA SER D 70 -10.56 8.27 27.16
C SER D 70 -9.20 7.68 26.97
N GLY D 71 -8.62 8.08 25.86
CA GLY D 71 -7.26 7.70 25.59
C GLY D 71 -6.32 8.85 25.15
N PRO D 72 -5.08 8.44 24.77
CA PRO D 72 -4.11 9.37 24.29
C PRO D 72 -4.47 9.71 22.88
N VAL D 73 -3.69 10.68 22.44
CA VAL D 73 -3.97 11.10 21.10
C VAL D 73 -2.65 11.59 20.65
N VAL D 74 -2.67 11.95 19.38
CA VAL D 74 -1.57 12.48 18.62
C VAL D 74 -1.90 13.84 18.10
N ALA D 75 -1.11 14.83 18.58
CA ALA D 75 -1.27 16.29 18.35
C ALA D 75 -0.23 16.69 17.40
N MET D 76 -0.72 17.26 16.38
CA MET D 76 0.24 17.62 15.40
C MET D 76 -0.19 18.88 14.71
N VAL D 77 0.84 19.58 14.19
CA VAL D 77 0.80 20.89 13.49
C VAL D 77 1.52 20.62 12.21
N TRP D 78 0.83 21.06 11.17
CA TRP D 78 1.30 20.80 9.84
C TRP D 78 1.38 22.09 8.97
N GLU D 79 2.44 22.37 8.23
CA GLU D 79 2.32 23.64 7.50
C GLU D 79 2.43 23.60 6.04
N GLY D 80 1.81 24.58 5.36
CA GLY D 80 1.99 24.40 3.94
C GLY D 80 1.00 25.33 3.35
N LEU D 81 1.14 25.44 2.12
CA LEU D 81 0.16 26.37 1.59
C LEU D 81 -1.27 25.95 1.59
N ASN D 82 -2.10 26.58 2.42
CA ASN D 82 -3.53 26.25 2.51
C ASN D 82 -3.73 24.97 3.35
N VAL D 83 -2.72 24.54 4.19
CA VAL D 83 -2.75 23.29 5.00
C VAL D 83 -4.16 23.33 5.61
N VAL D 84 -4.42 24.33 6.41
CA VAL D 84 -5.71 24.39 7.02
C VAL D 84 -6.85 23.87 6.17
N LYS D 85 -7.10 24.43 5.00
CA LYS D 85 -8.26 24.02 4.21
C LYS D 85 -8.25 22.67 3.51
N THR D 86 -7.10 22.54 2.85
CA THR D 86 -6.73 21.40 2.06
C THR D 86 -6.77 20.34 3.11
N GLY D 87 -5.93 20.48 4.12
CA GLY D 87 -6.07 19.52 5.21
C GLY D 87 -7.51 19.03 5.53
N ARG D 88 -8.47 19.91 5.47
CA ARG D 88 -9.83 19.57 5.74
C ARG D 88 -10.46 18.71 4.68
N VAL D 89 -10.18 18.90 3.37
CA VAL D 89 -10.72 18.00 2.31
C VAL D 89 -10.05 16.66 2.56
N MET D 90 -8.88 16.73 3.17
CA MET D 90 -8.11 15.57 3.47
C MET D 90 -8.72 14.49 4.25
N LEU D 91 -9.31 15.00 5.33
CA LEU D 91 -10.20 14.56 6.44
C LEU D 91 -11.47 13.98 5.90
N GLY D 92 -12.26 14.73 5.27
CA GLY D 92 -13.43 14.51 4.54
C GLY D 92 -14.42 15.25 5.37
N GLU D 93 -15.70 14.97 5.31
CA GLU D 93 -16.56 15.57 6.25
C GLU D 93 -16.41 15.02 7.64
N THR D 94 -17.16 15.74 8.42
CA THR D 94 -17.14 15.59 9.86
C THR D 94 -17.78 14.31 10.40
N ASN D 95 -18.82 14.01 9.64
CA ASN D 95 -19.64 12.86 9.57
C ASN D 95 -19.16 11.96 8.36
N PRO D 96 -18.43 10.96 8.89
CA PRO D 96 -17.84 9.88 8.12
C PRO D 96 -18.76 9.35 7.05
N ALA D 97 -20.04 9.59 7.25
CA ALA D 97 -21.05 9.10 6.37
C ALA D 97 -20.94 9.91 5.13
N ASP D 98 -20.61 11.20 5.40
CA ASP D 98 -20.54 12.04 4.25
C ASP D 98 -19.26 12.20 3.49
N SER D 99 -18.20 11.69 4.16
CA SER D 99 -16.79 11.65 3.85
C SER D 99 -16.53 10.84 2.61
N LYS D 100 -15.88 11.33 1.55
CA LYS D 100 -15.71 10.50 0.36
C LYS D 100 -14.60 9.47 0.48
N PRO D 101 -14.68 8.48 -0.34
CA PRO D 101 -13.55 7.53 -0.22
C PRO D 101 -12.39 8.27 -0.89
N GLY D 102 -11.20 8.13 -0.28
CA GLY D 102 -10.01 8.91 -0.66
C GLY D 102 -9.61 9.65 0.65
N THR D 103 -10.62 10.09 1.36
CA THR D 103 -10.39 10.78 2.60
C THR D 103 -10.07 9.96 3.78
N ILE D 104 -9.58 10.63 4.76
CA ILE D 104 -9.26 9.86 5.94
C ILE D 104 -10.56 9.40 6.64
N ARG D 105 -11.65 10.13 6.50
CA ARG D 105 -12.80 9.65 7.23
C ARG D 105 -13.56 8.75 6.34
N GLY D 106 -13.37 9.00 5.07
CA GLY D 106 -14.08 8.22 4.07
C GLY D 106 -13.65 6.78 4.33
N ASP D 107 -12.38 6.56 4.11
CA ASP D 107 -11.57 5.38 4.22
C ASP D 107 -11.66 4.67 5.58
N PHE D 108 -11.58 5.36 6.72
CA PHE D 108 -11.54 4.47 7.88
C PHE D 108 -12.50 4.55 8.99
N CYS D 109 -13.62 5.11 8.65
CA CYS D 109 -14.46 5.14 9.81
C CYS D 109 -15.88 5.34 9.42
N ILE D 110 -16.79 5.15 10.45
CA ILE D 110 -18.20 5.16 10.03
C ILE D 110 -19.07 6.07 10.81
N GLN D 111 -18.69 6.25 12.08
CA GLN D 111 -19.53 7.07 12.91
C GLN D 111 -18.92 8.35 13.49
N VAL D 112 -19.77 9.34 13.54
CA VAL D 112 -19.42 10.66 13.98
C VAL D 112 -18.84 10.67 15.35
N GLY D 113 -19.46 9.89 16.21
CA GLY D 113 -19.07 9.91 17.63
C GLY D 113 -17.70 9.35 17.81
N ARG D 114 -17.14 8.79 16.73
CA ARG D 114 -15.80 8.17 16.72
C ARG D 114 -15.21 8.57 15.35
N ASN D 115 -14.78 9.83 15.06
CA ASN D 115 -14.32 9.98 13.65
C ASN D 115 -12.81 10.27 13.52
N ILE D 116 -12.00 9.55 14.39
CA ILE D 116 -10.55 9.30 14.57
C ILE D 116 -9.72 10.61 14.42
N ILE D 117 -10.32 11.53 13.67
CA ILE D 117 -9.54 12.75 13.39
C ILE D 117 -10.30 14.01 13.55
N HIS D 118 -9.49 15.03 13.86
CA HIS D 118 -9.84 16.41 14.03
C HIS D 118 -8.77 17.24 13.28
N GLY D 119 -9.29 18.16 12.36
CA GLY D 119 -8.66 19.25 11.54
C GLY D 119 -9.07 20.67 12.00
N SER D 120 -8.22 21.67 12.03
CA SER D 120 -8.67 23.03 12.37
C SER D 120 -9.51 23.55 11.20
N ASP D 121 -10.61 24.24 11.42
CA ASP D 121 -11.51 24.70 10.31
C ASP D 121 -11.44 26.15 9.78
N SER D 122 -10.49 26.89 10.34
CA SER D 122 -10.17 28.28 10.03
C SER D 122 -8.79 28.51 10.62
N VAL D 123 -8.09 29.25 9.81
CA VAL D 123 -6.75 29.61 10.20
C VAL D 123 -6.64 30.15 11.63
N GLU D 124 -7.67 30.94 12.00
CA GLU D 124 -7.65 31.43 13.38
C GLU D 124 -7.75 30.33 14.48
N SER D 125 -8.69 29.51 14.07
CA SER D 125 -9.09 28.39 14.87
C SER D 125 -7.78 27.68 14.87
N ALA D 126 -7.19 27.74 13.67
CA ALA D 126 -5.95 27.03 13.55
C ALA D 126 -4.93 27.46 14.59
N GLU D 127 -4.55 28.71 14.51
CA GLU D 127 -3.50 29.05 15.44
C GLU D 127 -3.87 29.04 16.89
N LYS D 128 -5.19 29.21 17.05
CA LYS D 128 -5.79 29.22 18.37
C LYS D 128 -5.49 27.95 19.12
N GLU D 129 -5.76 26.87 18.37
CA GLU D 129 -5.59 25.52 18.83
C GLU D 129 -4.14 25.23 18.93
N ILE D 130 -3.40 25.75 17.96
CA ILE D 130 -2.00 25.38 18.09
C ILE D 130 -1.28 25.85 19.34
N ALA D 131 -1.87 26.97 19.67
CA ALA D 131 -1.54 27.83 20.73
C ALA D 131 -1.71 26.99 21.96
N LEU D 132 -3.01 26.72 22.13
CA LEU D 132 -3.60 25.88 23.16
C LEU D 132 -2.92 24.55 23.46
N TRP D 133 -2.33 23.99 22.41
CA TRP D 133 -1.88 22.65 22.66
C TRP D 133 -0.44 22.58 22.93
N PHE D 134 0.10 23.34 21.99
CA PHE D 134 1.53 23.48 21.87
C PHE D 134 2.30 24.71 22.41
N HIS D 135 3.50 24.43 23.00
CA HIS D 135 4.48 25.36 23.57
C HIS D 135 5.34 25.84 22.43
N PRO D 136 5.32 27.11 22.09
CA PRO D 136 6.02 27.65 20.97
C PRO D 136 7.36 26.97 20.69
N GLU D 137 8.05 26.54 21.72
CA GLU D 137 9.32 25.85 21.67
C GLU D 137 9.14 24.42 21.19
N GLU D 138 7.91 24.15 20.89
CA GLU D 138 7.59 22.80 20.44
C GLU D 138 7.31 22.87 18.99
N LEU D 139 7.70 23.94 18.33
CA LEU D 139 7.45 24.12 16.92
C LEU D 139 8.70 24.28 16.13
N VAL D 140 8.91 23.25 15.30
CA VAL D 140 10.06 22.95 14.42
C VAL D 140 10.40 23.73 13.18
N ASN D 141 11.63 24.28 13.28
CA ASN D 141 12.04 25.02 12.15
C ASN D 141 12.94 24.32 11.18
N TYR D 142 12.45 24.02 10.01
CA TYR D 142 13.32 23.32 9.11
C TYR D 142 12.67 23.49 7.75
N LYS D 143 13.38 22.89 6.76
CA LYS D 143 13.03 22.89 5.32
C LYS D 143 13.21 21.57 4.54
N SER D 144 12.13 21.11 3.93
CA SER D 144 12.12 19.85 3.20
C SER D 144 13.11 19.95 2.09
N CYS D 145 13.91 18.90 1.84
CA CYS D 145 14.81 18.87 0.68
C CYS D 145 14.06 18.99 -0.65
N ALA D 146 12.76 18.98 -0.50
CA ALA D 146 11.96 19.00 -1.68
C ALA D 146 11.14 20.19 -1.73
N GLN D 147 11.32 21.05 -0.75
CA GLN D 147 10.49 22.25 -0.81
C GLN D 147 10.41 22.91 -2.18
N ASN D 148 11.54 22.82 -2.87
CA ASN D 148 11.68 23.37 -4.18
C ASN D 148 10.77 22.77 -5.14
N TRP D 149 10.82 21.46 -4.98
CA TRP D 149 9.96 20.62 -5.83
C TRP D 149 8.42 20.72 -5.58
N ILE D 150 8.05 21.23 -4.40
CA ILE D 150 6.63 21.42 -4.07
C ILE D 150 5.96 22.74 -4.46
N TYR D 151 6.86 23.71 -4.22
CA TYR D 151 6.66 25.14 -4.36
C TYR D 151 7.60 25.71 -5.40
N GLU D 152 6.86 26.52 -6.20
CA GLU D 152 7.21 27.30 -7.38
C GLU D 152 8.10 28.43 -7.00
N ALA E 2 -29.41 0.28 14.04
CA ALA E 2 -28.97 0.53 12.65
C ALA E 2 -27.53 0.10 12.39
N ASN E 3 -26.84 -0.08 13.53
CA ASN E 3 -25.50 -0.57 13.65
C ASN E 3 -25.22 -2.05 13.22
N SER E 4 -26.33 -2.71 12.86
CA SER E 4 -26.49 -4.12 12.54
C SER E 4 -27.02 -4.44 11.16
N GLU E 5 -27.20 -3.36 10.42
CA GLU E 5 -27.63 -3.40 9.06
C GLU E 5 -26.56 -4.21 8.33
N ARG E 6 -27.05 -4.68 7.16
CA ARG E 6 -26.18 -5.63 6.47
C ARG E 6 -26.36 -5.51 4.98
N THR E 7 -25.29 -5.96 4.28
CA THR E 7 -25.41 -5.77 2.86
C THR E 7 -24.79 -6.94 2.18
N PHE E 8 -25.34 -7.06 0.96
CA PHE E 8 -24.71 -8.12 0.21
C PHE E 8 -23.65 -7.53 -0.79
N ILE E 9 -22.42 -7.98 -0.58
CA ILE E 9 -21.40 -7.52 -1.51
C ILE E 9 -20.92 -8.72 -2.32
N ALA E 10 -21.02 -8.72 -3.65
CA ALA E 10 -20.32 -9.84 -4.34
C ALA E 10 -19.26 -9.30 -5.32
N ILE E 11 -18.10 -9.91 -5.41
CA ILE E 11 -17.02 -9.50 -6.28
C ILE E 11 -17.20 -10.38 -7.47
N LYS E 12 -17.29 -9.79 -8.60
CA LYS E 12 -17.54 -10.51 -9.80
C LYS E 12 -16.36 -11.25 -10.34
N PRO E 13 -16.58 -12.19 -11.28
CA PRO E 13 -15.53 -13.08 -11.83
C PRO E 13 -14.32 -12.39 -12.43
N ASP E 14 -14.64 -11.22 -12.95
CA ASP E 14 -13.76 -10.26 -13.55
C ASP E 14 -12.97 -9.73 -12.41
N GLY E 15 -13.36 -9.76 -11.18
CA GLY E 15 -12.56 -9.13 -10.12
C GLY E 15 -11.77 -10.17 -9.51
N VAL E 16 -12.22 -11.33 -9.81
CA VAL E 16 -11.56 -12.45 -9.24
C VAL E 16 -10.54 -12.66 -10.29
N GLN E 17 -10.83 -12.66 -11.56
CA GLN E 17 -9.73 -12.93 -12.51
C GLN E 17 -8.43 -12.07 -12.46
N ARG E 18 -8.63 -10.82 -11.97
CA ARG E 18 -7.76 -9.67 -11.71
C ARG E 18 -7.48 -9.45 -10.23
N GLY E 19 -7.11 -10.44 -9.59
CA GLY E 19 -6.69 -10.39 -8.28
C GLY E 19 -7.08 -9.22 -7.53
N LEU E 20 -8.30 -8.87 -7.44
CA LEU E 20 -8.62 -7.75 -6.60
C LEU E 20 -9.44 -8.12 -5.41
N ILE E 21 -9.28 -9.27 -4.81
CA ILE E 21 -10.11 -9.75 -3.73
C ILE E 21 -9.61 -9.16 -2.40
N GLY E 22 -8.34 -9.43 -1.97
CA GLY E 22 -7.84 -8.83 -0.65
C GLY E 22 -8.11 -7.29 -0.53
N GLU E 23 -7.98 -6.58 -1.65
CA GLU E 23 -8.18 -5.17 -1.84
C GLU E 23 -9.61 -4.95 -1.67
N ILE E 24 -10.44 -5.73 -2.33
CA ILE E 24 -11.81 -5.39 -2.22
C ILE E 24 -12.28 -5.57 -0.78
N ILE E 25 -11.79 -6.62 -0.18
CA ILE E 25 -12.22 -6.87 1.19
C ILE E 25 -11.61 -5.83 2.09
N LYS E 26 -10.41 -5.53 1.64
CA LYS E 26 -9.70 -4.69 2.56
C LYS E 26 -10.36 -3.35 2.69
N ARG E 27 -10.98 -2.90 1.63
CA ARG E 27 -11.70 -1.63 1.67
C ARG E 27 -12.74 -1.70 2.83
N PHE E 28 -13.55 -2.84 2.91
CA PHE E 28 -14.57 -3.08 3.93
C PHE E 28 -14.06 -3.15 5.34
N GLU E 29 -13.00 -3.94 5.44
CA GLU E 29 -12.30 -4.02 6.71
C GLU E 29 -11.63 -2.72 7.21
N GLN E 30 -11.04 -1.74 6.41
CA GLN E 30 -10.49 -0.64 7.25
C GLN E 30 -11.49 0.41 7.70
N LYS E 31 -12.54 0.45 6.93
CA LYS E 31 -13.60 1.37 7.10
C LYS E 31 -14.10 0.97 8.43
N GLY E 32 -14.02 -0.36 8.63
CA GLY E 32 -14.44 -0.97 9.90
C GLY E 32 -15.83 -1.62 10.05
N PHE E 33 -16.38 -2.00 8.90
CA PHE E 33 -17.64 -2.76 8.71
C PHE E 33 -17.45 -4.29 9.00
N ARG E 34 -18.50 -5.02 9.44
CA ARG E 34 -18.24 -6.45 9.84
C ARG E 34 -18.38 -7.54 8.83
N LEU E 35 -17.41 -8.48 8.92
CA LEU E 35 -17.56 -9.50 7.86
C LEU E 35 -18.49 -10.48 8.47
N VAL E 36 -19.59 -10.68 7.77
CA VAL E 36 -20.58 -11.56 8.37
C VAL E 36 -20.64 -12.98 7.77
N ALA E 37 -20.50 -13.11 6.45
CA ALA E 37 -20.49 -14.35 5.69
C ALA E 37 -19.83 -14.23 4.32
N MET E 38 -19.13 -15.27 4.00
CA MET E 38 -18.54 -15.25 2.72
C MET E 38 -18.24 -16.65 2.23
N LYS E 39 -18.34 -16.68 0.93
CA LYS E 39 -17.86 -17.92 0.39
C LYS E 39 -17.52 -17.69 -1.07
N PHE E 40 -16.46 -18.42 -1.47
CA PHE E 40 -16.05 -18.44 -2.84
C PHE E 40 -16.84 -19.45 -3.65
N MET E 41 -17.28 -19.16 -4.89
CA MET E 41 -18.00 -20.18 -5.59
C MET E 41 -18.44 -19.75 -7.01
N ARG E 42 -18.78 -20.63 -8.00
CA ARG E 42 -19.42 -20.35 -9.29
C ARG E 42 -21.01 -20.20 -9.20
N ALA E 43 -21.74 -19.18 -9.70
CA ALA E 43 -23.21 -19.10 -9.54
C ALA E 43 -23.91 -19.73 -10.70
N SER E 44 -24.92 -20.47 -10.27
CA SER E 44 -25.86 -21.33 -10.94
C SER E 44 -26.70 -20.56 -11.87
N GLU E 45 -26.84 -21.07 -13.04
CA GLU E 45 -27.69 -20.20 -13.79
C GLU E 45 -28.89 -19.61 -13.09
N ASP E 46 -29.77 -20.48 -12.65
CA ASP E 46 -31.00 -20.06 -12.02
C ASP E 46 -30.73 -19.34 -10.69
N LEU E 47 -29.47 -19.23 -10.36
CA LEU E 47 -29.23 -18.54 -9.12
C LEU E 47 -29.19 -17.09 -9.53
N LEU E 48 -28.48 -17.00 -10.62
CA LEU E 48 -28.26 -15.76 -11.28
C LEU E 48 -29.55 -15.23 -11.86
N LYS E 49 -30.22 -15.95 -12.72
CA LYS E 49 -31.45 -15.35 -13.24
C LYS E 49 -32.38 -14.82 -12.17
N GLU E 50 -32.27 -15.50 -11.04
CA GLU E 50 -33.20 -15.14 -10.00
C GLU E 50 -32.77 -13.85 -9.31
N HIS E 51 -31.47 -13.68 -9.18
CA HIS E 51 -30.76 -12.55 -8.61
C HIS E 51 -30.82 -11.28 -9.47
N TYR E 52 -30.97 -11.47 -10.75
CA TYR E 52 -31.05 -10.32 -11.61
C TYR E 52 -32.51 -10.28 -12.06
N ILE E 53 -33.31 -11.11 -11.40
CA ILE E 53 -34.68 -11.34 -11.79
C ILE E 53 -35.36 -10.18 -12.49
N ASP E 54 -35.36 -9.00 -11.84
CA ASP E 54 -35.97 -7.77 -12.32
C ASP E 54 -35.83 -7.43 -13.78
N LEU E 55 -34.54 -7.17 -14.09
CA LEU E 55 -34.02 -6.83 -15.42
C LEU E 55 -33.94 -8.10 -16.19
N LYS E 56 -35.02 -8.85 -16.02
CA LYS E 56 -35.31 -10.10 -16.66
C LYS E 56 -35.49 -9.84 -18.14
N ASP E 57 -35.85 -8.59 -18.40
CA ASP E 57 -36.12 -8.11 -19.74
C ASP E 57 -34.94 -7.47 -20.48
N ARG E 58 -34.43 -6.40 -19.86
CA ARG E 58 -33.32 -5.58 -20.31
C ARG E 58 -32.15 -6.27 -21.03
N PRO E 59 -32.02 -5.98 -22.35
CA PRO E 59 -31.06 -6.54 -23.32
C PRO E 59 -29.81 -7.29 -22.80
N PHE E 60 -29.19 -6.66 -21.83
CA PHE E 60 -28.04 -7.12 -21.11
C PHE E 60 -28.31 -8.44 -20.37
N PHE E 61 -29.49 -8.55 -19.77
CA PHE E 61 -29.91 -9.79 -19.05
C PHE E 61 -29.14 -10.99 -19.55
N ALA E 62 -29.51 -11.57 -20.69
CA ALA E 62 -28.75 -12.74 -21.12
C ALA E 62 -27.17 -12.80 -20.98
N GLY E 63 -26.53 -11.70 -21.44
CA GLY E 63 -25.05 -11.64 -21.47
C GLY E 63 -24.40 -11.58 -20.08
N LEU E 64 -25.28 -10.99 -19.26
CA LEU E 64 -25.11 -10.74 -17.85
C LEU E 64 -24.89 -12.03 -17.09
N VAL E 65 -25.84 -12.88 -17.51
CA VAL E 65 -26.04 -14.21 -16.91
C VAL E 65 -24.86 -15.16 -17.05
N LYS E 66 -24.65 -15.25 -18.34
CA LYS E 66 -23.61 -16.08 -18.81
C LYS E 66 -22.26 -15.63 -18.24
N TYR E 67 -22.07 -14.29 -18.23
CA TYR E 67 -20.86 -13.68 -17.80
C TYR E 67 -20.75 -14.00 -16.34
N MET E 68 -21.80 -13.65 -15.70
CA MET E 68 -21.72 -13.89 -14.28
C MET E 68 -21.39 -15.34 -13.96
N HIS E 69 -21.73 -16.16 -14.98
CA HIS E 69 -21.57 -17.60 -14.78
C HIS E 69 -20.24 -18.23 -15.16
N SER E 70 -19.60 -17.46 -16.09
CA SER E 70 -18.27 -17.83 -16.60
C SER E 70 -17.14 -18.07 -15.57
N GLY E 71 -17.23 -17.73 -14.26
CA GLY E 71 -16.14 -18.03 -13.30
C GLY E 71 -16.68 -17.64 -11.96
N PRO E 72 -15.95 -18.01 -10.99
CA PRO E 72 -16.29 -17.86 -9.64
C PRO E 72 -16.45 -16.44 -9.12
N VAL E 73 -17.18 -16.29 -8.01
CA VAL E 73 -17.37 -15.06 -7.37
C VAL E 73 -17.04 -15.15 -5.86
N VAL E 74 -17.01 -13.97 -5.14
CA VAL E 74 -16.83 -13.88 -3.75
C VAL E 74 -18.13 -13.21 -3.43
N ALA E 75 -18.91 -13.88 -2.54
CA ALA E 75 -20.25 -13.44 -2.05
C ALA E 75 -20.18 -13.13 -0.58
N MET E 76 -20.68 -11.94 -0.21
CA MET E 76 -20.42 -11.69 1.16
C MET E 76 -21.52 -10.96 1.75
N VAL E 77 -21.34 -10.82 3.04
CA VAL E 77 -22.29 -10.06 3.79
C VAL E 77 -21.43 -9.45 4.83
N TRP E 78 -21.84 -8.15 4.91
CA TRP E 78 -21.25 -7.12 5.76
C TRP E 78 -22.28 -6.33 6.57
N GLU E 79 -21.85 -6.27 7.79
CA GLU E 79 -22.59 -5.49 8.74
C GLU E 79 -21.95 -4.19 9.34
N GLY E 80 -22.79 -3.12 9.24
CA GLY E 80 -22.43 -2.00 9.97
C GLY E 80 -23.47 -0.96 9.84
N LEU E 81 -23.29 0.08 10.69
CA LEU E 81 -24.24 1.19 10.63
C LEU E 81 -24.27 1.79 9.25
N ASN E 82 -25.28 1.50 8.47
CA ASN E 82 -25.46 2.11 7.14
C ASN E 82 -24.76 1.48 5.97
N VAL E 83 -24.15 0.33 6.29
CA VAL E 83 -23.47 -0.46 5.26
C VAL E 83 -24.12 -0.43 3.88
N VAL E 84 -25.43 -0.42 3.72
CA VAL E 84 -25.97 -0.54 2.38
C VAL E 84 -25.65 0.58 1.46
N LYS E 85 -25.97 1.80 1.95
CA LYS E 85 -25.72 3.12 1.34
C LYS E 85 -24.21 3.51 1.22
N THR E 86 -23.48 3.42 2.36
CA THR E 86 -22.07 3.66 2.54
C THR E 86 -21.29 2.68 1.71
N GLY E 87 -21.81 1.50 1.53
CA GLY E 87 -21.23 0.41 0.81
C GLY E 87 -21.31 0.73 -0.69
N ARG E 88 -22.28 1.52 -1.15
CA ARG E 88 -22.36 1.79 -2.59
C ARG E 88 -21.47 2.87 -3.05
N VAL E 89 -21.49 3.80 -2.09
CA VAL E 89 -20.61 4.92 -2.17
C VAL E 89 -19.23 4.33 -2.18
N MET E 90 -18.92 3.34 -1.38
CA MET E 90 -17.54 2.86 -1.50
C MET E 90 -17.28 2.13 -2.77
N LEU E 91 -18.36 1.69 -3.40
CA LEU E 91 -18.16 0.89 -4.61
C LEU E 91 -17.99 1.83 -5.71
N GLY E 92 -18.93 2.75 -5.66
CA GLY E 92 -18.88 3.78 -6.68
C GLY E 92 -20.09 3.60 -7.58
N GLU E 93 -20.12 4.23 -8.79
CA GLU E 93 -21.13 4.15 -9.88
C GLU E 93 -21.15 2.87 -10.64
N THR E 94 -22.37 2.54 -10.79
CA THR E 94 -22.45 1.28 -11.46
C THR E 94 -21.47 1.34 -12.62
N ASN E 95 -21.61 2.40 -13.46
CA ASN E 95 -20.70 2.71 -14.63
C ASN E 95 -19.34 3.24 -14.13
N PRO E 96 -18.24 2.51 -14.29
CA PRO E 96 -16.93 2.81 -13.73
C PRO E 96 -16.47 4.14 -14.16
N ALA E 97 -17.13 4.60 -15.20
CA ALA E 97 -16.85 5.80 -15.95
C ALA E 97 -17.39 6.95 -15.15
N ASP E 98 -18.39 6.65 -14.31
CA ASP E 98 -18.88 7.75 -13.59
C ASP E 98 -18.28 7.58 -12.23
N SER E 99 -17.58 6.54 -11.93
CA SER E 99 -16.91 6.31 -10.66
C SER E 99 -15.69 7.10 -10.34
N LYS E 100 -15.68 7.56 -9.11
CA LYS E 100 -14.64 8.45 -8.67
C LYS E 100 -13.44 7.71 -8.24
N PRO E 101 -12.35 8.43 -8.41
CA PRO E 101 -11.14 7.87 -7.86
C PRO E 101 -11.34 7.72 -6.33
N GLY E 102 -10.71 6.71 -5.70
CA GLY E 102 -10.88 6.48 -4.26
C GLY E 102 -11.88 5.31 -3.99
N THR E 103 -12.75 5.09 -4.99
CA THR E 103 -13.78 4.07 -5.03
C THR E 103 -13.14 2.86 -5.77
N ILE E 104 -13.73 1.69 -5.50
CA ILE E 104 -13.36 0.36 -6.04
C ILE E 104 -13.42 0.38 -7.55
N ARG E 105 -14.55 0.70 -8.14
CA ARG E 105 -14.51 0.79 -9.56
C ARG E 105 -13.61 1.90 -10.10
N GLY E 106 -13.74 3.04 -9.40
CA GLY E 106 -13.04 4.22 -9.83
C GLY E 106 -11.63 3.88 -10.13
N ASP E 107 -11.18 3.23 -9.10
CA ASP E 107 -9.82 2.88 -9.07
C ASP E 107 -9.40 1.74 -9.89
N PHE E 108 -10.38 0.87 -10.08
CA PHE E 108 -10.10 -0.42 -10.62
C PHE E 108 -10.72 -0.94 -11.80
N CYS E 109 -11.56 -0.21 -12.49
CA CYS E 109 -12.02 -0.92 -13.67
C CYS E 109 -12.64 0.07 -14.60
N ILE E 110 -13.05 -0.30 -15.80
CA ILE E 110 -13.55 0.82 -16.63
C ILE E 110 -14.89 0.79 -17.32
N GLN E 111 -15.28 -0.40 -17.77
CA GLN E 111 -16.51 -0.64 -18.49
C GLN E 111 -17.50 -1.37 -17.54
N VAL E 112 -18.78 -0.95 -17.64
CA VAL E 112 -20.01 -1.39 -16.93
C VAL E 112 -20.06 -2.90 -17.01
N GLY E 113 -20.05 -3.33 -18.27
CA GLY E 113 -20.04 -4.78 -18.52
C GLY E 113 -19.00 -5.57 -17.72
N ARG E 114 -18.01 -4.89 -17.16
CA ARG E 114 -16.98 -5.61 -16.45
C ARG E 114 -16.75 -4.84 -15.22
N ASN E 115 -17.74 -4.70 -14.38
CA ASN E 115 -17.57 -3.89 -13.26
C ASN E 115 -17.10 -4.40 -11.96
N ILE E 116 -16.56 -5.56 -12.05
CA ILE E 116 -16.01 -6.35 -10.94
C ILE E 116 -16.75 -6.51 -9.67
N ILE E 117 -17.84 -5.80 -9.42
CA ILE E 117 -18.35 -6.11 -8.09
C ILE E 117 -19.75 -5.56 -8.01
N HIS E 118 -20.45 -5.97 -6.96
CA HIS E 118 -21.85 -5.70 -6.68
C HIS E 118 -21.99 -5.68 -5.20
N GLY E 119 -22.72 -4.57 -4.96
CA GLY E 119 -23.21 -4.16 -3.67
C GLY E 119 -24.73 -3.95 -3.68
N SER E 120 -25.33 -4.47 -2.60
CA SER E 120 -26.76 -4.35 -2.31
C SER E 120 -27.32 -2.93 -2.51
N ASP E 121 -28.22 -2.75 -3.45
CA ASP E 121 -28.66 -1.41 -3.57
C ASP E 121 -29.74 -0.86 -2.63
N SER E 122 -30.54 -1.71 -1.93
CA SER E 122 -31.53 -1.35 -0.90
C SER E 122 -31.42 -2.19 0.34
N VAL E 123 -32.06 -1.73 1.37
CA VAL E 123 -31.83 -2.63 2.45
C VAL E 123 -32.72 -3.84 2.30
N GLU E 124 -33.68 -3.68 1.40
CA GLU E 124 -34.51 -4.82 1.17
C GLU E 124 -33.62 -5.81 0.48
N SER E 125 -33.23 -5.30 -0.70
CA SER E 125 -32.36 -5.99 -1.63
C SER E 125 -31.27 -6.64 -0.82
N ALA E 126 -30.85 -5.85 0.12
CA ALA E 126 -29.82 -6.39 0.98
C ALA E 126 -30.29 -7.78 1.44
N GLU E 127 -31.32 -7.70 2.26
CA GLU E 127 -31.92 -8.82 2.91
C GLU E 127 -32.43 -9.92 2.03
N LYS E 128 -32.96 -9.49 0.89
CA LYS E 128 -33.37 -10.35 -0.14
C LYS E 128 -32.21 -11.12 -0.82
N GLU E 129 -31.19 -10.33 -1.10
CA GLU E 129 -30.09 -10.86 -1.85
C GLU E 129 -29.38 -11.80 -0.90
N ILE E 130 -29.54 -11.40 0.37
CA ILE E 130 -28.84 -12.23 1.32
C ILE E 130 -29.39 -13.67 1.36
N ALA E 131 -30.71 -13.68 1.24
CA ALA E 131 -31.50 -14.89 1.30
C ALA E 131 -31.07 -15.95 0.29
N LEU E 132 -31.27 -15.42 -0.92
CA LEU E 132 -31.05 -16.11 -2.15
C LEU E 132 -29.74 -16.80 -1.92
N TRP E 133 -28.79 -15.94 -1.57
CA TRP E 133 -27.43 -16.36 -1.52
C TRP E 133 -27.03 -17.03 -0.25
N PHE E 134 -27.68 -16.67 0.86
CA PHE E 134 -27.16 -17.42 1.99
C PHE E 134 -28.10 -18.24 2.85
N HIS E 135 -27.49 -19.28 3.39
CA HIS E 135 -28.24 -20.06 4.30
C HIS E 135 -27.86 -19.36 5.59
N PRO E 136 -28.89 -19.06 6.24
CA PRO E 136 -28.89 -18.36 7.46
C PRO E 136 -27.91 -18.88 8.43
N GLU E 137 -27.43 -20.03 8.17
CA GLU E 137 -26.62 -20.40 9.32
C GLU E 137 -25.17 -20.05 9.09
N GLU E 138 -25.07 -19.66 7.81
CA GLU E 138 -23.85 -19.21 7.16
C GLU E 138 -23.58 -17.76 7.65
N LEU E 139 -24.44 -17.23 8.56
CA LEU E 139 -24.25 -15.92 9.01
C LEU E 139 -23.70 -16.10 10.33
N VAL E 140 -22.39 -15.86 10.34
CA VAL E 140 -21.67 -15.84 11.58
C VAL E 140 -21.93 -14.61 12.38
N ASN E 141 -21.78 -14.75 13.70
CA ASN E 141 -21.99 -13.68 14.64
C ASN E 141 -20.91 -13.48 15.71
N TYR E 142 -20.19 -12.38 15.61
CA TYR E 142 -19.20 -12.05 16.57
C TYR E 142 -19.23 -10.56 16.70
N LYS E 143 -18.40 -10.20 17.66
CA LYS E 143 -18.23 -8.82 18.01
C LYS E 143 -16.77 -8.42 17.92
N SER E 144 -16.42 -7.51 16.96
CA SER E 144 -15.12 -6.94 16.57
C SER E 144 -14.54 -6.32 17.80
N CYS E 145 -13.22 -6.37 18.00
CA CYS E 145 -12.80 -5.97 19.35
C CYS E 145 -12.75 -4.43 19.60
N ALA E 146 -12.99 -3.88 18.37
CA ALA E 146 -12.92 -2.46 18.12
C ALA E 146 -14.14 -1.52 17.89
N GLN E 147 -15.28 -2.22 17.99
CA GLN E 147 -16.67 -1.77 17.85
C GLN E 147 -17.05 -0.50 18.64
N ASN E 148 -16.35 -0.45 19.79
CA ASN E 148 -16.56 0.54 20.83
C ASN E 148 -15.69 1.73 20.54
N TRP E 149 -14.85 1.44 19.56
CA TRP E 149 -13.98 2.45 19.08
C TRP E 149 -14.58 2.80 17.77
N ILE E 150 -15.36 1.94 17.21
CA ILE E 150 -16.02 2.28 15.97
C ILE E 150 -17.36 2.91 16.23
N TYR E 151 -17.79 2.76 17.46
CA TYR E 151 -19.12 3.26 17.62
C TYR E 151 -19.25 3.66 19.04
N GLU E 152 -20.16 4.61 19.17
CA GLU E 152 -20.27 4.96 20.57
C GLU E 152 -21.48 4.26 21.16
N ALA F 2 -13.69 2.63 -29.43
CA ALA F 2 -12.90 3.69 -28.78
C ALA F 2 -12.08 3.33 -27.49
N ASN F 3 -11.71 2.02 -27.53
CA ASN F 3 -11.05 1.18 -26.51
C ASN F 3 -9.59 1.15 -26.80
N SER F 4 -9.33 1.57 -28.01
CA SER F 4 -7.93 1.72 -28.45
C SER F 4 -7.64 3.21 -28.44
N GLU F 5 -8.37 3.95 -27.57
CA GLU F 5 -8.18 5.37 -27.49
C GLU F 5 -6.99 5.39 -26.56
N ARG F 6 -5.95 6.11 -27.02
CA ARG F 6 -4.70 6.38 -26.34
C ARG F 6 -4.64 7.88 -25.99
N THR F 7 -3.98 8.22 -24.92
CA THR F 7 -3.78 9.55 -24.37
C THR F 7 -2.30 9.63 -23.95
N PHE F 8 -1.79 10.86 -23.73
CA PHE F 8 -0.42 11.05 -23.48
C PHE F 8 -0.34 11.48 -22.06
N ILE F 9 0.42 10.72 -21.32
CA ILE F 9 0.57 11.10 -19.94
C ILE F 9 2.09 11.21 -19.67
N ALA F 10 2.41 12.45 -19.17
CA ALA F 10 3.74 12.86 -18.78
C ALA F 10 3.84 13.16 -17.28
N ILE F 11 4.84 12.61 -16.66
CA ILE F 11 5.00 12.88 -15.21
C ILE F 11 6.06 13.94 -15.24
N LYS F 12 5.87 15.01 -14.46
CA LYS F 12 6.81 16.21 -14.37
C LYS F 12 8.02 15.97 -13.46
N PRO F 13 8.94 17.02 -13.51
CA PRO F 13 10.22 16.91 -12.78
C PRO F 13 10.06 16.72 -11.29
N ASP F 14 8.92 17.17 -10.85
CA ASP F 14 8.52 17.04 -9.44
C ASP F 14 8.08 15.64 -9.04
N GLY F 15 7.43 14.88 -10.00
CA GLY F 15 6.93 13.48 -9.95
C GLY F 15 8.22 12.74 -9.77
N VAL F 16 9.00 12.95 -10.80
CA VAL F 16 10.26 12.30 -10.89
C VAL F 16 10.96 12.70 -9.64
N GLN F 17 10.97 13.94 -9.18
CA GLN F 17 11.73 14.20 -8.00
C GLN F 17 11.32 13.65 -6.67
N ARG F 18 10.07 13.56 -6.44
CA ARG F 18 9.72 13.11 -5.13
C ARG F 18 9.01 11.75 -5.20
N GLY F 19 9.64 10.84 -5.96
CA GLY F 19 9.29 9.41 -6.24
C GLY F 19 7.80 8.97 -6.44
N LEU F 20 7.13 9.38 -7.45
CA LEU F 20 5.83 8.93 -7.63
C LEU F 20 5.72 8.39 -9.03
N ILE F 21 6.82 8.19 -9.69
CA ILE F 21 6.74 7.52 -10.99
C ILE F 21 6.13 6.13 -10.77
N GLY F 22 6.57 5.39 -9.79
CA GLY F 22 5.93 4.07 -9.53
C GLY F 22 4.41 4.07 -9.25
N GLU F 23 4.13 4.74 -8.11
CA GLU F 23 2.74 5.10 -7.77
C GLU F 23 2.00 5.57 -9.02
N ILE F 24 2.50 6.60 -9.62
CA ILE F 24 1.75 6.95 -10.79
C ILE F 24 1.50 5.86 -11.83
N ILE F 25 2.53 5.23 -12.36
CA ILE F 25 2.24 4.21 -13.36
C ILE F 25 1.28 3.16 -12.80
N LYS F 26 1.39 2.91 -11.51
CA LYS F 26 0.48 1.95 -10.97
C LYS F 26 -1.00 2.23 -11.03
N ARG F 27 -1.32 3.46 -10.88
CA ARG F 27 -2.73 3.67 -10.92
C ARG F 27 -3.35 3.37 -12.24
N PHE F 28 -2.52 3.47 -13.22
CA PHE F 28 -3.10 3.32 -14.58
C PHE F 28 -3.16 1.85 -14.88
N GLU F 29 -2.10 1.18 -14.37
CA GLU F 29 -2.06 -0.25 -14.45
C GLU F 29 -3.40 -0.84 -13.88
N GLN F 30 -3.53 -0.60 -12.60
CA GLN F 30 -4.69 -1.13 -11.96
C GLN F 30 -6.01 -0.67 -12.47
N LYS F 31 -6.12 0.28 -13.33
CA LYS F 31 -7.50 0.55 -13.74
C LYS F 31 -7.72 -0.23 -15.10
N GLY F 32 -6.64 -0.86 -15.57
CA GLY F 32 -6.81 -1.62 -16.80
C GLY F 32 -6.59 -0.89 -18.14
N PHE F 33 -5.82 0.20 -18.11
CA PHE F 33 -5.44 0.80 -19.33
C PHE F 33 -4.16 0.05 -19.59
N ARG F 34 -3.90 0.04 -20.92
CA ARG F 34 -2.60 -0.50 -21.43
C ARG F 34 -1.52 0.55 -21.80
N LEU F 35 -0.29 0.34 -21.30
CA LEU F 35 0.89 1.13 -21.61
C LEU F 35 1.31 0.78 -23.02
N VAL F 36 1.05 1.69 -23.91
CA VAL F 36 1.52 1.54 -25.26
C VAL F 36 3.03 1.89 -25.44
N ALA F 37 3.48 3.10 -25.02
CA ALA F 37 4.85 3.63 -25.01
C ALA F 37 5.32 4.32 -23.69
N MET F 38 6.60 4.36 -23.46
CA MET F 38 6.96 5.04 -22.25
C MET F 38 8.45 5.37 -22.39
N LYS F 39 8.93 6.58 -22.01
CA LYS F 39 10.37 6.95 -22.07
C LYS F 39 10.79 8.09 -21.15
N PHE F 40 11.74 7.80 -20.27
CA PHE F 40 12.35 8.74 -19.35
C PHE F 40 13.28 9.64 -20.22
N MET F 41 12.86 10.89 -20.45
CA MET F 41 13.60 11.86 -21.25
C MET F 41 13.40 13.28 -20.68
N ARG F 42 14.50 14.11 -20.75
CA ARG F 42 14.64 15.52 -20.39
C ARG F 42 14.09 16.22 -21.59
N ALA F 43 12.99 16.96 -21.47
CA ALA F 43 12.49 17.51 -22.74
C ALA F 43 13.42 18.50 -23.48
N SER F 44 12.91 19.09 -24.55
CA SER F 44 13.76 20.03 -25.28
C SER F 44 12.87 21.21 -25.54
N GLU F 45 13.48 22.29 -25.05
CA GLU F 45 13.00 23.65 -25.03
C GLU F 45 12.14 23.81 -26.25
N ASP F 46 12.62 23.42 -27.38
CA ASP F 46 11.63 23.58 -28.42
C ASP F 46 10.35 22.78 -28.25
N LEU F 47 10.61 21.57 -27.83
CA LEU F 47 9.51 20.65 -27.69
C LEU F 47 8.69 21.20 -26.58
N LEU F 48 9.38 21.47 -25.52
CA LEU F 48 8.59 22.06 -24.48
C LEU F 48 7.68 23.12 -25.15
N LYS F 49 8.36 24.08 -25.78
CA LYS F 49 7.79 25.16 -26.60
C LYS F 49 6.54 24.90 -27.53
N GLU F 50 6.93 24.10 -28.54
CA GLU F 50 6.08 23.52 -29.56
C GLU F 50 4.91 22.81 -28.89
N HIS F 51 5.11 22.45 -27.58
CA HIS F 51 4.02 21.74 -26.91
C HIS F 51 2.97 22.61 -26.22
N TYR F 52 3.56 23.41 -25.30
CA TYR F 52 2.97 24.44 -24.43
C TYR F 52 2.85 25.71 -25.30
N ILE F 53 2.76 25.47 -26.61
CA ILE F 53 2.61 26.42 -27.72
C ILE F 53 1.31 27.21 -27.63
N ASP F 54 0.23 26.53 -27.22
CA ASP F 54 -1.14 27.03 -26.99
C ASP F 54 -1.34 28.09 -25.84
N LEU F 55 -0.35 28.12 -24.96
CA LEU F 55 -0.11 29.00 -23.82
C LEU F 55 1.27 29.54 -24.17
N LYS F 56 1.34 30.25 -25.29
CA LYS F 56 2.59 30.78 -25.76
C LYS F 56 3.02 31.96 -24.96
N ASP F 57 2.05 32.83 -24.70
CA ASP F 57 2.25 34.09 -24.03
C ASP F 57 2.33 34.11 -22.52
N ARG F 58 1.11 33.70 -22.03
CA ARG F 58 0.74 33.62 -20.64
C ARG F 58 1.86 33.75 -19.59
N PRO F 59 1.40 34.32 -18.48
CA PRO F 59 2.23 34.61 -17.34
C PRO F 59 3.32 33.61 -17.26
N PHE F 60 2.90 32.50 -16.74
CA PHE F 60 3.92 31.45 -16.60
C PHE F 60 4.92 31.20 -17.79
N PHE F 61 4.33 30.65 -18.83
CA PHE F 61 4.96 30.12 -20.03
C PHE F 61 6.43 29.80 -20.01
N ALA F 62 7.12 30.90 -20.32
CA ALA F 62 8.51 30.48 -20.28
C ALA F 62 8.96 30.02 -18.85
N GLY F 63 8.09 30.28 -17.82
CA GLY F 63 8.40 29.82 -16.44
C GLY F 63 8.33 28.26 -16.27
N LEU F 64 7.35 27.84 -17.05
CA LEU F 64 6.84 26.53 -17.36
C LEU F 64 7.93 25.83 -18.15
N VAL F 65 8.15 26.36 -19.36
CA VAL F 65 9.20 25.76 -20.12
C VAL F 65 10.39 25.59 -19.21
N LYS F 66 10.67 26.54 -18.38
CA LYS F 66 11.96 26.37 -17.77
C LYS F 66 12.08 25.18 -16.88
N TYR F 67 11.01 25.17 -16.15
CA TYR F 67 10.92 24.19 -15.11
C TYR F 67 10.86 22.84 -15.68
N MET F 68 9.97 22.74 -16.67
CA MET F 68 9.85 21.47 -17.33
C MET F 68 11.11 21.10 -18.03
N HIS F 69 12.24 21.59 -17.65
CA HIS F 69 13.33 21.13 -18.39
C HIS F 69 14.34 21.13 -17.30
N SER F 70 13.79 21.39 -16.11
CA SER F 70 14.81 21.38 -15.10
C SER F 70 15.25 20.00 -14.74
N GLY F 71 14.42 19.04 -15.09
CA GLY F 71 14.72 17.61 -14.81
C GLY F 71 14.14 16.83 -16.00
N PRO F 72 14.28 15.51 -15.88
CA PRO F 72 13.73 14.61 -16.90
C PRO F 72 12.25 14.35 -16.58
N VAL F 73 11.69 13.81 -17.61
CA VAL F 73 10.33 13.48 -17.38
C VAL F 73 10.02 12.03 -17.77
N VAL F 74 8.88 11.54 -17.35
CA VAL F 74 8.55 10.24 -17.82
C VAL F 74 7.47 10.45 -18.90
N ALA F 75 7.76 10.16 -20.16
CA ALA F 75 6.82 10.15 -21.25
C ALA F 75 6.07 8.79 -21.28
N MET F 76 4.72 8.82 -21.47
CA MET F 76 3.88 7.65 -21.53
C MET F 76 2.70 7.87 -22.44
N VAL F 77 2.28 6.74 -23.03
CA VAL F 77 1.05 6.50 -23.86
C VAL F 77 0.34 5.30 -23.30
N TRP F 78 -0.98 5.52 -23.22
CA TRP F 78 -1.79 4.59 -22.52
C TRP F 78 -2.94 4.47 -23.38
N GLU F 79 -3.39 3.21 -23.32
CA GLU F 79 -4.56 2.89 -24.08
C GLU F 79 -5.68 2.32 -23.22
N GLY F 80 -6.91 2.64 -23.66
CA GLY F 80 -8.06 2.14 -22.94
C GLY F 80 -9.28 2.91 -23.43
N LEU F 81 -10.46 2.37 -23.36
CA LEU F 81 -11.70 3.07 -23.72
C LEU F 81 -11.74 4.46 -23.10
N ASN F 82 -11.99 5.54 -23.79
CA ASN F 82 -11.96 6.76 -22.94
C ASN F 82 -10.78 7.03 -21.93
N VAL F 83 -9.52 6.77 -22.27
CA VAL F 83 -8.41 6.88 -21.33
C VAL F 83 -8.22 8.33 -20.98
N VAL F 84 -8.25 9.12 -22.03
CA VAL F 84 -8.17 10.56 -21.88
C VAL F 84 -9.13 11.00 -20.73
N LYS F 85 -10.42 11.12 -21.03
CA LYS F 85 -11.28 11.66 -19.98
C LYS F 85 -10.95 11.04 -18.66
N THR F 86 -10.82 9.78 -18.71
CA THR F 86 -10.65 9.18 -17.43
C THR F 86 -9.27 9.46 -16.85
N GLY F 87 -8.36 9.45 -17.77
CA GLY F 87 -7.07 9.73 -17.23
C GLY F 87 -7.11 11.00 -16.45
N ARG F 88 -7.74 11.98 -17.08
CA ARG F 88 -7.87 13.32 -16.47
C ARG F 88 -8.36 13.29 -15.09
N VAL F 89 -9.48 12.63 -15.12
CA VAL F 89 -10.16 12.39 -13.89
C VAL F 89 -9.14 11.78 -12.93
N MET F 90 -8.41 10.85 -13.52
CA MET F 90 -7.52 10.13 -12.67
C MET F 90 -6.61 11.00 -11.98
N LEU F 91 -6.16 11.93 -12.85
CA LEU F 91 -5.15 13.00 -12.60
C LEU F 91 -5.51 13.98 -11.54
N GLY F 92 -6.70 14.41 -11.74
CA GLY F 92 -7.07 15.47 -10.79
C GLY F 92 -7.46 16.75 -11.59
N GLU F 93 -7.87 17.75 -10.83
CA GLU F 93 -8.19 19.04 -11.42
C GLU F 93 -6.80 19.63 -11.63
N THR F 94 -6.54 20.36 -12.71
CA THR F 94 -5.17 20.82 -12.94
C THR F 94 -4.39 21.40 -11.74
N ASN F 95 -5.23 22.13 -11.03
CA ASN F 95 -4.89 22.82 -9.86
C ASN F 95 -4.99 21.96 -8.65
N PRO F 96 -3.85 21.62 -8.16
CA PRO F 96 -3.77 20.85 -6.91
C PRO F 96 -4.79 21.17 -5.76
N ALA F 97 -5.25 22.40 -5.98
CA ALA F 97 -6.14 23.12 -5.10
C ALA F 97 -7.52 22.64 -4.96
N ASP F 98 -8.09 22.34 -6.08
CA ASP F 98 -9.45 21.83 -6.23
C ASP F 98 -9.53 20.37 -6.67
N SER F 99 -8.45 19.66 -6.56
CA SER F 99 -8.32 18.27 -6.92
C SER F 99 -8.59 17.46 -5.67
N LYS F 100 -9.63 16.61 -5.87
CA LYS F 100 -9.99 15.68 -4.82
C LYS F 100 -8.98 14.60 -4.28
N PRO F 101 -9.15 14.19 -3.03
CA PRO F 101 -8.29 13.08 -2.65
C PRO F 101 -8.75 11.85 -3.44
N GLY F 102 -7.71 11.11 -3.62
CA GLY F 102 -7.93 9.93 -4.42
C GLY F 102 -7.36 10.11 -5.79
N THR F 103 -7.23 11.32 -6.34
CA THR F 103 -6.66 11.66 -7.64
C THR F 103 -5.21 11.76 -7.28
N ILE F 104 -4.51 11.78 -8.40
CA ILE F 104 -3.04 11.86 -8.44
C ILE F 104 -2.59 13.09 -7.67
N ARG F 105 -3.01 14.15 -8.29
CA ARG F 105 -2.69 15.48 -7.67
C ARG F 105 -3.24 15.56 -6.24
N GLY F 106 -4.53 15.12 -6.02
CA GLY F 106 -5.17 15.18 -4.73
C GLY F 106 -4.26 14.63 -3.69
N ASP F 107 -3.68 13.55 -4.12
CA ASP F 107 -2.98 12.94 -3.08
C ASP F 107 -1.58 13.36 -2.93
N PHE F 108 -0.97 13.78 -4.02
CA PHE F 108 0.42 14.08 -3.69
C PHE F 108 0.94 15.46 -4.00
N CYS F 109 0.10 16.39 -4.29
CA CYS F 109 0.73 17.67 -4.54
C CYS F 109 -0.06 18.90 -4.14
N ILE F 110 0.56 20.03 -4.05
CA ILE F 110 -0.04 21.27 -3.58
C ILE F 110 -0.23 22.47 -4.48
N GLN F 111 0.75 22.81 -5.30
CA GLN F 111 0.38 23.98 -6.11
C GLN F 111 0.58 23.74 -7.56
N VAL F 112 -0.30 24.39 -8.31
CA VAL F 112 -0.43 24.30 -9.76
C VAL F 112 0.85 24.46 -10.52
N GLY F 113 1.86 24.89 -9.74
CA GLY F 113 3.22 25.19 -10.16
C GLY F 113 4.20 24.02 -10.19
N ARG F 114 3.89 23.09 -9.31
CA ARG F 114 4.42 21.76 -9.03
C ARG F 114 3.27 20.75 -9.04
N ASN F 115 2.70 20.58 -10.29
CA ASN F 115 1.61 19.69 -10.46
C ASN F 115 1.94 18.30 -11.06
N ILE F 116 3.07 17.76 -10.56
CA ILE F 116 3.68 16.45 -10.84
C ILE F 116 3.41 15.66 -12.10
N ILE F 117 2.39 16.07 -12.85
CA ILE F 117 2.19 15.29 -14.05
C ILE F 117 1.29 16.08 -14.97
N HIS F 118 1.01 15.61 -16.17
CA HIS F 118 0.11 16.23 -17.11
C HIS F 118 -0.50 15.06 -17.89
N GLY F 119 -1.69 15.30 -18.43
CA GLY F 119 -2.28 14.32 -19.32
C GLY F 119 -3.09 15.04 -20.44
N SER F 120 -3.28 14.60 -21.73
CA SER F 120 -4.12 15.21 -22.79
C SER F 120 -5.46 15.66 -22.30
N ASP F 121 -6.14 16.57 -22.95
CA ASP F 121 -7.42 17.02 -22.32
C ASP F 121 -8.44 16.76 -23.37
N SER F 122 -7.91 16.27 -24.48
CA SER F 122 -8.67 15.94 -25.65
C SER F 122 -7.78 15.05 -26.46
N VAL F 123 -8.58 14.50 -27.33
CA VAL F 123 -8.13 13.52 -28.27
C VAL F 123 -7.19 14.17 -29.23
N GLU F 124 -7.87 14.90 -30.07
CA GLU F 124 -7.22 15.80 -30.96
C GLU F 124 -5.93 16.23 -30.33
N SER F 125 -6.11 16.67 -29.10
CA SER F 125 -4.92 17.05 -28.35
C SER F 125 -3.91 15.94 -28.15
N ALA F 126 -4.53 14.89 -27.63
CA ALA F 126 -3.74 13.75 -27.25
C ALA F 126 -2.96 13.35 -28.47
N GLU F 127 -3.60 13.39 -29.66
CA GLU F 127 -2.68 12.90 -30.71
C GLU F 127 -1.47 13.75 -31.04
N LYS F 128 -1.80 14.99 -31.17
CA LYS F 128 -0.84 15.99 -31.42
C LYS F 128 0.28 15.72 -30.43
N GLU F 129 -0.02 15.53 -29.21
CA GLU F 129 1.15 15.27 -28.34
C GLU F 129 1.93 14.03 -28.58
N ILE F 130 1.09 13.04 -28.90
CA ILE F 130 1.69 11.73 -29.19
C ILE F 130 2.72 11.81 -30.34
N ALA F 131 2.23 12.25 -31.51
CA ALA F 131 2.97 12.57 -32.71
C ALA F 131 4.20 13.36 -32.29
N LEU F 132 3.84 14.36 -31.52
CA LEU F 132 4.85 15.24 -31.05
C LEU F 132 5.79 14.60 -30.07
N TRP F 133 5.40 13.74 -29.19
CA TRP F 133 6.56 13.29 -28.41
C TRP F 133 7.09 11.92 -28.73
N PHE F 134 6.49 11.20 -29.60
CA PHE F 134 7.13 9.95 -29.87
C PHE F 134 7.06 9.72 -31.39
N HIS F 135 8.09 9.02 -31.85
CA HIS F 135 8.05 8.52 -33.20
C HIS F 135 7.07 7.36 -33.15
N PRO F 136 6.41 7.10 -34.26
CA PRO F 136 5.47 5.98 -34.43
C PRO F 136 5.89 4.62 -33.90
N GLU F 137 7.12 4.28 -34.14
CA GLU F 137 7.64 2.98 -33.85
C GLU F 137 7.95 2.93 -32.39
N GLU F 138 7.38 3.84 -31.65
CA GLU F 138 7.80 3.65 -30.27
C GLU F 138 6.65 3.17 -29.39
N LEU F 139 5.60 3.13 -30.19
CA LEU F 139 4.21 2.74 -29.95
C LEU F 139 4.06 1.19 -30.05
N VAL F 140 4.23 0.48 -28.87
CA VAL F 140 4.14 -0.94 -28.51
C VAL F 140 2.76 -1.61 -28.60
N ASN F 141 2.46 -2.41 -29.63
CA ASN F 141 1.12 -3.02 -29.61
C ASN F 141 1.20 -4.46 -29.12
N TYR F 142 0.43 -4.70 -28.10
CA TYR F 142 0.42 -6.04 -27.60
C TYR F 142 -1.03 -6.21 -27.17
N LYS F 143 -1.43 -7.39 -26.62
CA LYS F 143 -2.78 -7.68 -26.09
C LYS F 143 -2.57 -8.16 -24.69
N SER F 144 -3.29 -7.47 -23.84
CA SER F 144 -3.23 -7.80 -22.44
C SER F 144 -4.03 -9.07 -22.28
N CYS F 145 -3.46 -9.82 -21.29
CA CYS F 145 -4.26 -10.99 -20.98
C CYS F 145 -5.68 -10.68 -20.48
N ALA F 146 -5.73 -9.89 -19.41
CA ALA F 146 -7.01 -9.58 -18.81
C ALA F 146 -7.94 -8.84 -19.70
N GLN F 147 -7.66 -8.81 -20.94
CA GLN F 147 -8.48 -7.84 -21.62
C GLN F 147 -9.91 -8.05 -21.79
N ASN F 148 -10.30 -9.29 -21.71
CA ASN F 148 -11.73 -9.45 -21.99
C ASN F 148 -12.50 -9.48 -20.72
N TRP F 149 -11.67 -9.32 -19.68
CA TRP F 149 -12.09 -9.20 -18.31
C TRP F 149 -12.28 -7.73 -18.11
N ILE F 150 -11.77 -6.91 -19.08
CA ILE F 150 -11.82 -5.42 -19.00
C ILE F 150 -13.03 -4.75 -19.65
N TYR F 151 -13.22 -5.47 -20.77
CA TYR F 151 -14.09 -5.31 -21.91
C TYR F 151 -14.84 -6.60 -22.33
N GLU F 152 -16.12 -6.37 -22.40
CA GLU F 152 -17.11 -7.31 -22.77
C GLU F 152 -16.81 -7.47 -24.23
P 35G G . -0.93 -23.90 13.41
O1P 35G G . -2.42 -23.85 13.17
O2P 35G G . -0.22 -23.56 12.15
O5' 35G G . -0.47 -25.30 13.75
C5' 35G G . -0.21 -25.75 15.09
C4' 35G G . -0.64 -24.63 16.00
O4' 35G G . -0.35 -24.83 17.39
C3' 35G G . 0.06 -23.33 15.64
O3' 35G G . -0.59 -22.90 14.46
C2' 35G G . -0.13 -22.50 16.92
O2' 35G G . -1.31 -21.73 16.98
C1' 35G G . -0.10 -23.58 18.01
N9 35G G . 1.20 -23.73 18.65
C8 35G G . 2.52 -24.12 18.74
N7 35G G . 3.07 -23.90 19.92
C5 35G G . 2.01 -23.36 20.66
C6 35G G . 1.97 -22.91 22.03
O6 35G G . 2.86 -22.91 22.89
N1 35G G . 0.72 -22.37 22.34
C2 35G G . -0.40 -22.35 21.50
N2 35G G . -1.60 -21.86 21.96
N3 35G G . -0.37 -22.76 20.24
C4 35G G . 0.85 -23.25 19.90
PB GDP H . 1.55 -25.34 12.11
O1B GDP H . 2.04 -26.58 11.42
O2B GDP H . 2.06 -24.11 11.44
O3B GDP H . 0.11 -25.69 12.24
O3A GDP H . 2.21 -25.41 13.60
PA GDP H . 2.25 -26.71 14.58
O1A GDP H . 1.70 -27.54 13.47
O2A GDP H . 3.34 -27.34 15.39
O5' GDP H . 1.17 -26.34 15.54
C5' GDP H . 0.01 -25.74 15.03
C4' GDP H . -0.33 -24.49 15.81
O4' GDP H . -0.29 -24.80 17.22
C3' GDP H . 0.61 -23.30 15.72
O3' GDP H . 0.38 -22.56 14.53
C2' GDP H . 0.16 -22.50 16.95
O2' GDP H . -0.90 -21.60 16.72
C1' GDP H . -0.20 -23.60 17.95
N9 GDP H . 0.89 -23.75 18.91
C8 GDP H . 2.12 -24.34 18.68
N7 GDP H . 2.99 -24.25 19.66
C5 GDP H . 2.28 -23.47 20.59
C6 GDP H . 2.67 -22.98 21.89
O6 GDP H . 3.73 -23.21 22.48
N1 GDP H . 1.67 -22.21 22.50
C2 GDP H . 0.45 -21.90 21.94
N2 GDP H . -0.40 -21.15 22.66
N3 GDP H . 0.06 -22.35 20.72
C4 GDP H . 1.02 -23.11 20.13
P 35G I . 22.02 3.63 15.08
O1P 35G I . 21.71 5.06 15.44
O2P 35G I . 20.82 2.75 15.00
O5' 35G I . 22.99 3.08 16.08
C5' 35G I . 24.36 3.55 16.07
C4' 35G I . 24.58 4.44 14.86
O4' 35G I . 25.97 4.73 14.55
C3' 35G I . 24.06 3.71 13.65
O3' 35G I . 22.62 3.63 13.70
C2' 35G I . 24.83 4.38 12.48
O2' 35G I . 24.21 5.35 11.63
C1' 35G I . 26.10 4.93 13.16
N9 35G I . 27.32 4.27 12.67
C8 35G I . 27.98 3.07 12.83
N7 35G I . 29.05 2.98 12.06
C5 35G I . 29.09 4.17 11.34
C6 35G I . 30.02 4.67 10.36
O6 35G I . 31.04 4.14 9.91
N1 35G I . 29.70 5.96 9.93
C2 35G I . 28.59 6.67 10.38
N2 35G I . 28.36 7.91 9.90
N3 35G I . 27.76 6.24 11.31
C4 35G I . 28.03 4.98 11.72
PB GDP J . 22.83 1.72 17.71
O1B GDP J . 23.54 1.19 18.93
O2B GDP J . 21.59 1.01 17.30
O3B GDP J . 22.48 3.17 17.58
O3A GDP J . 23.85 1.44 16.45
PA GDP J . 25.48 1.48 16.27
O1A GDP J . 26.03 1.65 17.66
O2A GDP J . 26.06 0.35 15.50
O5' GDP J . 25.63 2.69 15.42
C5' GDP J . 24.95 3.88 15.79
C4' GDP J . 24.77 4.75 14.56
O4' GDP J . 26.03 5.43 14.23
C3' GDP J . 24.39 3.97 13.31
O3' GDP J . 22.98 3.61 13.31
C2' GDP J . 24.78 5.00 12.25
O2' GDP J . 23.85 6.06 12.12
C1' GDP J . 26.13 5.50 12.83
N9 GDP J . 27.26 4.68 12.35
C8 GDP J . 27.66 3.40 12.62
N7 GDP J . 28.68 3.00 11.89
C5 GDP J . 28.95 4.09 11.07
C6 GDP J . 29.96 4.24 10.09
O6 GDP J . 30.79 3.39 9.73
N1 GDP J . 29.92 5.50 9.50
C2 GDP J . 29.01 6.49 9.82
N2 GDP J . 29.14 7.63 9.12
N3 GDP J . 28.08 6.37 10.76
C4 GDP J . 28.08 5.13 11.33
P 35G K . 17.89 -13.69 -15.52
O1P 35G K . 17.44 -12.66 -16.52
O2P 35G K . 18.23 -13.06 -14.22
O5' 35G K . 19.18 -14.30 -15.99
C5' 35G K . 19.31 -15.61 -16.51
C4' 35G K . 17.91 -16.09 -16.81
O4' 35G K . 17.83 -17.41 -17.40
C3' 35G K . 17.03 -16.09 -15.58
O3' 35G K . 16.80 -14.69 -15.24
C2' 35G K . 15.86 -16.84 -16.23
O2' 35G K . 15.23 -16.00 -17.20
C1' 35G K . 16.59 -17.97 -16.99
N9 35G K . 16.80 -19.24 -16.27
C8 35G K . 17.43 -20.01 -15.30
N7 35G K . 16.99 -21.23 -15.20
C5 35G K . 16.02 -21.32 -16.18
C6 35G K . 15.14 -22.36 -16.55
O6 35G K . 15.17 -23.52 -16.07
N1 35G K . 14.29 -22.00 -17.61
C2 35G K . 14.21 -20.73 -18.24
N2 35G K . 13.41 -20.37 -19.28
N3 35G K . 15.06 -19.79 -17.89
C4 35G K . 15.88 -20.11 -16.83
PB GDP L . 19.80 -14.42 -13.17
O1B GDP L . 20.85 -14.67 -12.10
O2B GDP L . 18.50 -13.84 -12.73
O3B GDP L . 19.94 -13.57 -14.37
O3A GDP L . 19.28 -15.82 -13.77
PA GDP L . 20.16 -16.73 -14.82
O1A GDP L . 21.42 -16.34 -15.49
O2A GDP L . 20.18 -17.92 -13.93
O5' GDP L . 19.18 -16.97 -15.90
C5' GDP L . 18.83 -15.99 -16.87
C4' GDP L . 17.32 -16.05 -17.03
O4' GDP L . 16.95 -17.18 -17.86
C3' GDP L . 16.60 -16.23 -15.69
O3' GDP L . 16.26 -14.97 -15.09
C2' GDP L . 15.41 -17.11 -16.09
O2' GDP L . 14.25 -16.42 -16.56
C1' GDP L . 16.01 -18.00 -17.18
N9 GDP L . 16.53 -19.27 -16.64
C8 GDP L . 17.53 -19.65 -15.77
N7 GDP L . 17.50 -20.90 -15.41
C5 GDP L . 16.39 -21.40 -16.07
C6 GDP L . 15.90 -22.72 -16.08
O6 GDP L . 16.39 -23.68 -15.45
N1 GDP L . 14.73 -22.81 -16.86
C2 GDP L . 14.14 -21.77 -17.53
N2 GDP L . 13.03 -22.09 -18.22
N3 GDP L . 14.60 -20.53 -17.55
C4 GDP L . 15.74 -20.42 -16.79
P 35G M . -14.23 17.65 15.40
O1P 35G M . -13.35 17.42 16.58
O2P 35G M . -13.39 18.10 14.20
O5' 35G M . -15.13 18.78 15.80
C5' 35G M . -15.99 18.69 16.94
C4' 35G M . -16.33 17.21 17.10
O4' 35G M . -17.59 16.94 17.79
C3' 35G M . -16.41 16.52 15.75
O3' 35G M . -15.07 16.42 15.15
C2' 35G M . -17.19 15.25 16.14
O2' 35G M . -16.38 14.25 16.74
C1' 35G M . -18.19 15.83 17.17
N9 35G M . -19.50 16.22 16.61
C8 35G M . -20.39 16.96 15.87
N7 35G M . -21.63 16.52 15.94
C5 35G M . -21.57 15.42 16.81
C6 35G M . -22.58 14.52 17.30
O6 35G M . -23.82 14.51 17.08
N1 35G M . -22.04 13.54 18.13
C2 35G M . -20.71 13.47 18.52
N2 35G M . -20.34 12.48 19.36
N3 35G M . -19.77 14.30 18.08
C4 35G M . -20.25 15.24 17.24
PB GDP N . -15.51 19.48 13.03
O1B GDP N . -15.16 20.89 13.45
O2B GDP N . -15.89 19.30 11.62
O3B GDP N . -14.99 18.12 12.72
O3A GDP N . -17.00 19.17 13.57
PA GDP N . -17.74 20.03 14.71
O1A GDP N . -16.80 21.15 15.01
O2A GDP N . -18.91 20.11 13.75
O5' GDP N . -17.87 19.03 15.82
C5' GDP N . -16.74 18.59 16.60
C4' GDP N . -16.76 17.09 16.94
O4' GDP N . -17.79 16.77 17.91
C3' GDP N . -16.92 16.10 15.78
O3' GDP N . -15.69 15.71 15.13
C2' GDP N . -17.61 14.91 16.44
O2' GDP N . -16.73 13.94 17.01
C1' GDP N . -18.51 15.64 17.46
N9 GDP N . -19.77 15.99 16.82
C8 GDP N . -20.34 16.80 15.85
N7 GDP N . -21.61 16.54 15.60
C5 GDP N . -21.91 15.47 16.46
C6 GDP N . -23.13 14.80 16.70
O6 GDP N . -24.25 14.98 16.17
N1 GDP N . -23.01 13.79 17.65
C2 GDP N . -21.84 13.49 18.31
N2 GDP N . -21.94 12.49 19.20
N3 GDP N . -20.69 14.14 18.15
C4 GDP N . -20.78 15.12 17.21
P 35G O . -24.75 -4.53 -10.37
O1P 35G O . -24.21 -5.57 -9.41
O2P 35G O . -24.62 -3.16 -9.76
O5' 35G O . -26.22 -4.80 -10.66
C5' 35G O . -26.85 -4.80 -11.97
C4' 35G O . -25.77 -4.89 -13.05
O4' 35G O . -26.17 -4.58 -14.41
C3' 35G O . -24.60 -3.96 -12.79
O3' 35G O . -23.91 -4.45 -11.62
C2' 35G O . -23.81 -4.10 -14.10
O2' 35G O . -22.86 -5.17 -14.07
C1' 35G O . -24.97 -4.29 -15.11
N9 35G O . -25.36 -3.13 -15.89
C8 35G O . -26.04 -1.93 -15.97
N7 35G O . -26.17 -1.52 -17.19
C5 35G O . -25.57 -2.52 -17.96
C6 35G O . -25.41 -2.61 -19.36
O6 35G O . -25.78 -1.79 -20.22
N1 35G O . -24.77 -3.80 -19.75
C2 35G O . -24.31 -4.77 -18.89
N2 35G O . -23.70 -5.83 -19.45
N3 35G O . -24.45 -4.70 -17.56
C4 35G O . -25.08 -3.54 -17.18
PB GDP P . -27.39 -1.91 -9.57
O1B GDP P . -28.80 -2.37 -9.40
O2B GDP P . -27.20 -0.50 -9.13
O3B GDP P . -25.99 -1.99 -9.11
O3A GDP P . -27.14 -1.79 -11.16
PA GDP P . -28.27 -2.35 -12.18
O1A GDP P . -29.31 -3.24 -11.56
O2A GDP P . -28.76 -1.03 -12.63
O5' GDP P . -27.45 -3.09 -13.20
C5' GDP P . -26.79 -4.29 -12.72
C4' GDP P . -25.54 -4.71 -13.48
O4' GDP P . -25.85 -4.99 -14.85
C3' GDP P . -24.28 -3.84 -13.47
O3' GDP P . -23.34 -4.37 -12.53
C2' GDP P . -23.76 -3.86 -14.92
O2' GDP P . -22.60 -4.62 -15.21
C1' GDP P . -24.91 -4.43 -15.75
N9 GDP P . -25.46 -3.34 -16.53
C8 GDP P . -26.20 -2.25 -16.14
N7 GDP P . -26.45 -1.41 -17.11
C5 GDP P . -25.78 -1.98 -18.19
C6 GDP P . -25.68 -1.54 -19.53
O6 GDP P . -26.17 -0.51 -20.00
N1 GDP P . -24.93 -2.40 -20.35
C2 GDP P . -24.31 -3.57 -19.93
N2 GDP P . -23.62 -4.27 -20.85
N3 GDP P . -24.42 -4.00 -18.66
C4 GDP P . -25.14 -3.15 -17.86
P 35G Q . -0.54 20.68 -17.68
O1P 35G Q . 0.74 20.12 -18.04
O2P 35G Q . -1.49 19.52 -17.47
O5' 35G Q . -1.03 21.62 -18.74
C5' 35G Q . -0.37 22.86 -18.95
C4' 35G Q . 0.25 23.25 -17.61
O4' 35G Q . 0.13 24.66 -17.26
C3' 35G Q . -0.51 22.63 -16.45
O3' 35G Q . -0.17 21.28 -16.38
C2' 35G Q . -0.01 23.40 -15.23
O2' 35G Q . 1.15 22.80 -14.68
C1' 35G Q . 0.31 24.77 -15.84
N9 35G Q . -0.34 25.97 -15.25
C8 35G Q . -1.57 26.59 -15.34
N7 35G Q . -1.66 27.73 -14.68
C5 35G Q . -0.42 27.88 -14.06
C6 35G Q . 0.13 28.96 -13.28
O6 35G Q . -0.37 30.03 -12.87
N1 35G Q . 1.45 28.68 -12.90
C2 35G Q . 2.20 27.60 -13.33
N2 35G Q . 3.49 27.51 -12.94
N3 35G Q . 1.71 26.60 -14.07
C4 35G Q . 0.41 26.82 -14.43
PB GDP R . -3.59 21.11 -18.19
O1B GDP R . -3.44 20.83 -19.65
O2B GDP R . -5.01 21.43 -17.82
O3B GDP R . -2.47 20.12 -17.99
O3A GDP R . -2.87 22.58 -18.08
PA GDP R . -3.19 24.04 -18.78
O1A GDP R . -3.55 23.45 -20.13
O2A GDP R . -4.01 25.19 -18.27
O5' GDP R . -1.79 24.52 -18.77
C5' GDP R . -0.76 23.54 -18.71
C4' GDP R . 0.15 23.59 -17.49
O4' GDP R . 0.61 24.96 -17.34
C3' GDP R . -0.39 23.20 -16.11
O3' GDP R . -0.24 21.78 -15.89
C2' GDP R . 0.48 24.04 -15.14
O2' GDP R . 1.66 23.42 -14.65
C1' GDP R . 0.77 25.29 -15.97
N9 GDP R . -0.15 26.34 -15.51
C8 GDP R . -1.53 26.55 -15.63
N7 GDP R . -1.96 27.58 -14.97
C5 GDP R . -0.84 28.05 -14.26
C6 GDP R . -0.68 29.15 -13.36
O6 GDP R . -1.51 29.92 -12.90
N1 GDP R . 0.61 29.31 -12.90
C2 GDP R . 1.65 28.47 -13.24
N2 GDP R . 2.83 28.74 -12.67
N3 GDP R . 1.53 27.44 -14.09
C4 GDP R . 0.27 27.28 -14.58
#